data_4E3M
#
_entry.id   4E3M
#
_cell.length_a   118.120
_cell.length_b   76.920
_cell.length_c   97.600
_cell.angle_alpha   90.000
_cell.angle_beta   116.370
_cell.angle_gamma   90.000
#
_symmetry.space_group_name_H-M   'C 1 2 1'
#
loop_
_entity.id
_entity.type
_entity.pdbx_description
1 polymer Beta-lactamase
2 non-polymer '[({[2-chloro-4-(1H-tetrazol-5-yl)phenyl]sulfonyl}amino)methyl]boronic acid'
3 non-polymer 'PHOSPHATE ION'
4 water water
#
_entity_poly.entity_id   1
_entity_poly.type   'polypeptide(L)'
_entity_poly.pdbx_seq_one_letter_code
;APQQINDIVHRTITPLIEQQKIPGMAVAVIYQGKPYYFTWGYADIAKKQPVTQQTLFELGSVSKTFTGVLGGDAIARGEI
KLSDPTTKYWPELTAKQWNGITLLHLATYTAGGLPLQVPDEVKSSSDLLRFYQNWQPAWAPGTQRLYANSSIGLFGALAV
KPSGLSFEQAMQTRVFQPLKLNHTWINVPPAEEKNYAWGYREGKAVHVSPGALDAEAYGVKSTIEDMARWVQSNLKPLDI
NEKTLQQGIQLAQSRYWQTGDMYQGLGWEMLDWPVNPDSIINGSDNKIALAARPVKAITPPTPAVRASWVHKTGATGGFG
SYVAFIPEKELGIVMLANKNYPNPARVDAAWQILNALQ
;
_entity_poly.pdbx_strand_id   A,B
#
loop_
_chem_comp.id
_chem_comp.type
_chem_comp.name
_chem_comp.formula
0ND non-polymer '[({[2-chloro-4-(1H-tetrazol-5-yl)phenyl]sulfonyl}amino)methyl]boronic acid' 'C8 H9 B Cl N5 O4 S'
PO4 non-polymer 'PHOSPHATE ION' 'O4 P -3'
#
# COMPACT_ATOMS: atom_id res chain seq x y z
N ALA A 1 -15.79 -0.39 32.96
CA ALA A 1 -14.53 -0.10 33.64
C ALA A 1 -14.07 -1.34 34.41
N PRO A 2 -13.59 -2.36 33.67
CA PRO A 2 -13.06 -3.59 34.27
C PRO A 2 -12.01 -3.21 35.30
N GLN A 3 -12.04 -3.87 36.46
CA GLN A 3 -11.13 -3.51 37.53
C GLN A 3 -9.66 -3.57 37.13
N GLN A 4 -9.30 -4.50 36.25
CA GLN A 4 -7.92 -4.61 35.83
C GLN A 4 -7.49 -3.34 35.12
N ILE A 5 -8.37 -2.78 34.29
CA ILE A 5 -8.00 -1.57 33.59
C ILE A 5 -7.94 -0.40 34.57
N ASN A 6 -8.94 -0.28 35.44
CA ASN A 6 -8.93 0.74 36.46
C ASN A 6 -7.62 0.72 37.24
N ASP A 7 -7.27 -0.46 37.73
CA ASP A 7 -6.11 -0.58 38.59
C ASP A 7 -4.81 -0.27 37.88
N ILE A 8 -4.58 -0.82 36.69
CA ILE A 8 -3.28 -0.51 36.10
C ILE A 8 -3.18 0.93 35.65
N VAL A 9 -4.28 1.50 35.17
CA VAL A 9 -4.23 2.89 34.80
C VAL A 9 -3.98 3.75 36.03
N HIS A 10 -4.77 3.58 37.10
CA HIS A 10 -4.56 4.43 38.26
C HIS A 10 -3.20 4.20 38.92
N ARG A 11 -2.75 2.96 39.01
CA ARG A 11 -1.47 2.71 39.67
C ARG A 11 -0.27 3.27 38.90
N THR A 12 -0.44 3.50 37.60
CA THR A 12 0.63 4.01 36.77
C THR A 12 0.58 5.53 36.71
N ILE A 13 -0.63 6.07 36.50
CA ILE A 13 -0.75 7.49 36.21
C ILE A 13 -0.70 8.35 37.48
N THR A 14 -1.24 7.87 38.59
CA THR A 14 -1.19 8.67 39.80
C THR A 14 0.22 9.07 40.22
N PRO A 15 1.15 8.11 40.28
CA PRO A 15 2.53 8.49 40.59
C PRO A 15 3.17 9.35 39.50
N LEU A 16 2.79 9.13 38.23
CA LEU A 16 3.33 9.91 37.15
C LEU A 16 2.97 11.40 37.35
N ILE A 17 1.69 11.63 37.67
CA ILE A 17 1.21 12.98 37.92
C ILE A 17 1.91 13.66 39.08
N GLU A 18 2.15 12.91 40.16
CA GLU A 18 2.86 13.42 41.32
C GLU A 18 4.32 13.72 40.97
N GLN A 19 4.98 12.78 40.32
CA GLN A 19 6.40 12.90 40.00
C GLN A 19 6.64 14.07 39.06
N GLN A 20 5.74 14.21 38.10
CA GLN A 20 5.94 15.21 37.04
C GLN A 20 5.24 16.54 37.31
N LYS A 21 4.50 16.63 38.43
CA LYS A 21 3.75 17.82 38.77
C LYS A 21 2.86 18.27 37.61
N ILE A 22 2.09 17.33 37.08
CA ILE A 22 1.20 17.60 35.94
C ILE A 22 -0.12 18.17 36.46
N PRO A 23 -0.52 19.35 35.97
CA PRO A 23 -1.73 19.97 36.56
C PRO A 23 -3.03 19.25 36.22
N GLY A 24 -3.11 18.74 35.00
CA GLY A 24 -4.31 18.07 34.54
C GLY A 24 -3.97 16.99 33.52
N MET A 25 -4.72 15.90 33.51
CA MET A 25 -4.44 14.82 32.60
CA MET A 25 -4.43 14.80 32.60
C MET A 25 -5.69 14.06 32.23
N ALA A 26 -5.77 13.63 30.96
CA ALA A 26 -6.82 12.71 30.54
C ALA A 26 -6.16 11.50 29.91
N VAL A 27 -6.71 10.33 30.16
CA VAL A 27 -6.20 9.09 29.59
C VAL A 27 -7.35 8.28 29.01
N ALA A 28 -7.15 7.71 27.81
CA ALA A 28 -8.09 6.73 27.29
C ALA A 28 -7.35 5.44 27.03
N VAL A 29 -7.93 4.33 27.48
CA VAL A 29 -7.42 3.03 27.09
C VAL A 29 -8.45 2.43 26.14
N ILE A 30 -7.96 1.95 25.01
CA ILE A 30 -8.80 1.21 24.10
C ILE A 30 -8.46 -0.26 24.33
N TYR A 31 -9.43 -1.01 24.81
CA TYR A 31 -9.22 -2.39 25.17
C TYR A 31 -10.25 -3.24 24.45
N GLN A 32 -9.77 -4.22 23.70
CA GLN A 32 -10.63 -4.99 22.82
C GLN A 32 -11.51 -4.03 22.03
N GLY A 33 -10.90 -2.93 21.60
CA GLY A 33 -11.59 -1.98 20.74
C GLY A 33 -12.53 -0.97 21.39
N LYS A 34 -12.83 -1.11 22.68
CA LYS A 34 -13.75 -0.19 23.37
C LYS A 34 -12.95 0.79 24.23
N PRO A 35 -13.39 2.06 24.32
CA PRO A 35 -12.63 3.02 25.13
C PRO A 35 -13.06 3.14 26.57
N TYR A 36 -12.07 3.38 27.44
CA TYR A 36 -12.27 3.63 28.86
C TYR A 36 -11.50 4.88 29.22
N TYR A 37 -12.17 5.80 29.90
CA TYR A 37 -11.62 7.13 30.12
C TYR A 37 -11.32 7.39 31.58
N PHE A 38 -10.28 8.19 31.79
CA PHE A 38 -9.86 8.57 33.12
C PHE A 38 -9.40 10.02 33.08
N THR A 39 -9.74 10.78 34.11
CA THR A 39 -9.28 12.17 34.17
C THR A 39 -8.80 12.54 35.57
N TRP A 40 -7.90 13.53 35.61
CA TRP A 40 -7.34 14.02 36.88
C TRP A 40 -7.11 15.51 36.79
N GLY A 41 -7.27 16.21 37.91
CA GLY A 41 -6.72 17.55 38.02
C GLY A 41 -7.42 18.61 37.18
N TYR A 42 -6.64 19.61 36.75
CA TYR A 42 -7.22 20.87 36.31
C TYR A 42 -6.86 21.21 34.89
N ALA A 43 -7.89 21.59 34.13
CA ALA A 43 -7.72 22.21 32.82
C ALA A 43 -7.31 23.69 32.97
N ASP A 44 -7.81 24.35 34.02
CA ASP A 44 -7.49 25.75 34.28
C ASP A 44 -7.36 25.87 35.80
N ILE A 45 -6.14 26.03 36.29
CA ILE A 45 -5.90 26.14 37.73
C ILE A 45 -6.57 27.38 38.33
N ALA A 46 -6.34 28.54 37.74
CA ALA A 46 -6.88 29.79 38.27
C ALA A 46 -8.41 29.77 38.40
N LYS A 47 -9.09 29.25 37.38
CA LYS A 47 -10.55 29.20 37.38
C LYS A 47 -11.14 27.89 37.93
N LYS A 48 -10.25 27.02 38.42
CA LYS A 48 -10.65 25.77 39.08
C LYS A 48 -11.51 24.87 38.21
N GLN A 49 -11.21 24.87 36.90
CA GLN A 49 -11.93 24.01 35.98
C GLN A 49 -11.24 22.65 35.90
N PRO A 50 -11.97 21.58 36.18
CA PRO A 50 -11.40 20.23 36.11
C PRO A 50 -11.21 19.75 34.68
N VAL A 51 -10.30 18.81 34.51
CA VAL A 51 -10.22 18.05 33.27
C VAL A 51 -11.43 17.11 33.20
N THR A 52 -12.10 17.13 32.06
CA THR A 52 -13.23 16.25 31.77
C THR A 52 -12.99 15.55 30.46
N GLN A 53 -13.93 14.70 30.06
CA GLN A 53 -13.82 14.02 28.77
C GLN A 53 -14.00 14.96 27.58
N GLN A 54 -14.45 16.18 27.89
CA GLN A 54 -14.66 17.23 26.88
C GLN A 54 -13.57 18.31 26.85
N THR A 55 -12.56 18.20 27.71
CA THR A 55 -11.50 19.18 27.72
C THR A 55 -10.67 19.05 26.43
N LEU A 56 -10.37 20.18 25.80
CA LEU A 56 -9.45 20.20 24.67
C LEU A 56 -8.00 20.38 25.15
N PHE A 57 -7.11 19.56 24.60
CA PHE A 57 -5.68 19.69 24.86
C PHE A 57 -4.97 20.00 23.55
N GLU A 58 -3.85 20.71 23.63
CA GLU A 58 -3.01 20.84 22.43
C GLU A 58 -2.27 19.51 22.22
N LEU A 59 -2.41 18.93 21.03
CA LEU A 59 -1.74 17.67 20.70
C LEU A 59 -0.28 17.86 20.33
N GLY A 60 0.15 19.09 20.02
CA GLY A 60 1.49 19.29 19.49
C GLY A 60 1.73 18.33 18.34
N SER A 61 2.90 17.71 18.28
CA SER A 61 3.25 16.89 17.14
C SER A 61 2.48 15.60 16.92
N VAL A 62 1.59 15.23 17.84
CA VAL A 62 0.63 14.17 17.51
C VAL A 62 -0.21 14.61 16.28
N SER A 63 -0.28 15.91 16.05
CA SER A 63 -0.92 16.46 14.83
C SER A 63 -0.30 15.86 13.56
N LYS A 64 0.97 15.50 13.60
CA LYS A 64 1.64 14.94 12.43
C LYS A 64 0.97 13.66 11.98
N THR A 65 0.31 12.93 12.89
CA THR A 65 -0.40 11.73 12.47
C THR A 65 -1.63 12.09 11.63
N PHE A 66 -2.31 13.17 11.97
CA PHE A 66 -3.42 13.65 11.14
C PHE A 66 -2.88 14.12 9.79
N THR A 67 -1.77 14.85 9.80
CA THR A 67 -1.17 15.30 8.55
C THR A 67 -0.79 14.11 7.67
N GLY A 68 -0.18 13.09 8.27
CA GLY A 68 0.21 11.92 7.52
C GLY A 68 -0.96 11.19 6.90
N VAL A 69 -2.02 11.02 7.67
CA VAL A 69 -3.25 10.37 7.17
C VAL A 69 -3.94 11.22 6.10
N LEU A 70 -3.97 12.53 6.29
CA LEU A 70 -4.55 13.41 5.26
C LEU A 70 -3.76 13.29 3.96
N GLY A 71 -2.44 13.21 4.05
CA GLY A 71 -1.63 13.04 2.87
C GLY A 71 -1.86 11.68 2.27
N GLY A 72 -1.98 10.66 3.11
CA GLY A 72 -2.31 9.31 2.66
C GLY A 72 -3.63 9.27 1.87
N ASP A 73 -4.61 10.01 2.37
CA ASP A 73 -5.91 10.14 1.72
C ASP A 73 -5.77 10.81 0.35
N ALA A 74 -4.94 11.85 0.26
CA ALA A 74 -4.67 12.52 -1.02
C ALA A 74 -3.99 11.60 -2.02
N ILE A 75 -3.11 10.71 -1.54
CA ILE A 75 -2.48 9.72 -2.43
C ILE A 75 -3.56 8.76 -2.93
N ALA A 76 -4.38 8.29 -1.99
CA ALA A 76 -5.42 7.32 -2.32
C ALA A 76 -6.41 7.90 -3.33
N ARG A 77 -6.64 9.21 -3.24
CA ARG A 77 -7.51 9.92 -4.21
C ARG A 77 -6.85 10.07 -5.58
N GLY A 78 -5.56 9.77 -5.68
CA GLY A 78 -4.79 10.02 -6.90
C GLY A 78 -4.44 11.49 -7.13
N GLU A 79 -4.57 12.30 -6.10
CA GLU A 79 -4.22 13.73 -6.21
C GLU A 79 -2.73 14.00 -6.21
N ILE A 80 -2.01 13.19 -5.44
CA ILE A 80 -0.57 13.28 -5.36
C ILE A 80 0.00 11.88 -5.32
N LYS A 81 1.30 11.79 -5.58
CA LYS A 81 2.06 10.55 -5.38
CA LYS A 81 1.99 10.56 -5.23
C LYS A 81 3.30 10.89 -4.55
N LEU A 82 3.73 10.01 -3.64
CA LEU A 82 4.92 10.31 -2.85
C LEU A 82 6.21 10.34 -3.64
N SER A 83 6.18 9.71 -4.82
CA SER A 83 7.30 9.75 -5.74
C SER A 83 7.39 11.08 -6.52
N ASP A 84 6.38 11.96 -6.38
CA ASP A 84 6.39 13.24 -7.13
C ASP A 84 7.47 14.17 -6.57
N PRO A 85 8.16 14.89 -7.45
CA PRO A 85 9.07 15.96 -7.03
C PRO A 85 8.30 17.01 -6.26
N THR A 86 8.91 17.57 -5.22
CA THR A 86 8.31 18.68 -4.49
C THR A 86 7.92 19.81 -5.46
N THR A 87 8.77 20.04 -6.44
CA THR A 87 8.51 21.14 -7.38
C THR A 87 7.26 20.97 -8.24
N LYS A 88 6.72 19.76 -8.31
CA LYS A 88 5.48 19.57 -9.05
C LYS A 88 4.35 20.39 -8.45
N TYR A 89 4.37 20.54 -7.13
CA TYR A 89 3.33 21.25 -6.41
C TYR A 89 3.74 22.63 -5.96
N TRP A 90 5.03 22.94 -6.07
CA TRP A 90 5.54 24.27 -5.75
C TRP A 90 6.55 24.63 -6.81
N PRO A 91 6.04 24.98 -7.99
CA PRO A 91 6.97 25.25 -9.09
C PRO A 91 7.94 26.40 -8.82
N GLU A 92 7.59 27.31 -7.92
CA GLU A 92 8.48 28.44 -7.59
C GLU A 92 9.76 27.98 -6.86
N LEU A 93 9.74 26.74 -6.39
CA LEU A 93 10.91 26.15 -5.77
C LEU A 93 11.96 25.74 -6.80
N THR A 94 12.58 26.72 -7.43
CA THR A 94 13.48 26.46 -8.55
C THR A 94 14.93 26.18 -8.17
N ALA A 95 15.30 26.39 -6.91
CA ALA A 95 16.70 26.20 -6.57
C ALA A 95 17.14 24.73 -6.76
N LYS A 96 18.39 24.55 -7.20
CA LYS A 96 18.85 23.25 -7.69
C LYS A 96 18.90 22.12 -6.64
N GLN A 97 19.02 22.49 -5.37
CA GLN A 97 19.04 21.49 -4.30
C GLN A 97 17.75 20.73 -4.20
N TRP A 98 16.68 21.25 -4.82
CA TRP A 98 15.37 20.60 -4.74
C TRP A 98 15.23 19.47 -5.75
N ASN A 99 16.13 19.44 -6.74
CA ASN A 99 16.12 18.34 -7.71
C ASN A 99 16.39 17.04 -6.96
N GLY A 100 15.43 16.14 -7.03
CA GLY A 100 15.57 14.87 -6.35
C GLY A 100 14.90 14.76 -4.99
N ILE A 101 14.39 15.89 -4.47
CA ILE A 101 13.66 15.88 -3.21
C ILE A 101 12.16 15.71 -3.50
N THR A 102 11.62 14.57 -3.07
CA THR A 102 10.25 14.19 -3.38
C THR A 102 9.30 14.42 -2.19
N LEU A 103 8.00 14.34 -2.43
CA LEU A 103 7.06 14.37 -1.32
C LEU A 103 7.36 13.30 -0.27
N LEU A 104 7.84 12.12 -0.68
CA LEU A 104 8.22 11.10 0.28
C LEU A 104 9.24 11.67 1.27
N HIS A 105 10.27 12.31 0.76
CA HIS A 105 11.32 12.86 1.61
C HIS A 105 10.74 13.88 2.57
N LEU A 106 9.87 14.76 2.08
CA LEU A 106 9.28 15.74 2.98
C LEU A 106 8.48 15.06 4.08
N ALA A 107 7.64 14.10 3.68
CA ALA A 107 6.75 13.43 4.62
C ALA A 107 7.48 12.72 5.75
N THR A 108 8.70 12.27 5.49
CA THR A 108 9.41 11.34 6.35
C THR A 108 10.73 11.90 6.90
N TYR A 109 10.92 13.21 6.78
CA TYR A 109 12.05 13.92 7.38
C TYR A 109 13.38 13.51 6.73
N THR A 110 13.37 13.08 5.47
CA THR A 110 14.57 12.52 4.84
C THR A 110 15.06 13.37 3.69
N ALA A 111 14.62 14.63 3.62
CA ALA A 111 14.98 15.50 2.49
C ALA A 111 16.45 15.93 2.50
N GLY A 112 17.14 15.78 3.64
CA GLY A 112 18.55 16.11 3.73
C GLY A 112 18.90 17.19 4.73
N GLY A 113 18.11 17.31 5.81
CA GLY A 113 18.44 18.21 6.88
C GLY A 113 17.57 19.46 6.99
N LEU A 114 16.32 19.40 6.53
CA LEU A 114 15.39 20.48 6.82
C LEU A 114 15.30 20.61 8.36
N PRO A 115 15.24 21.84 8.89
CA PRO A 115 15.36 22.00 10.35
C PRO A 115 14.09 21.73 11.13
N LEU A 116 14.26 21.46 12.42
CA LEU A 116 13.12 21.15 13.26
C LEU A 116 12.04 22.19 13.15
N GLN A 117 12.43 23.46 13.26
CA GLN A 117 11.46 24.55 13.25
CA GLN A 117 11.44 24.53 13.21
C GLN A 117 11.68 25.47 12.06
N VAL A 118 10.58 25.98 11.53
CA VAL A 118 10.67 27.06 10.59
C VAL A 118 11.11 28.25 11.44
N PRO A 119 12.06 29.04 10.92
CA PRO A 119 12.53 30.19 11.72
C PRO A 119 11.38 31.13 12.13
N ASP A 120 11.42 31.66 13.36
CA ASP A 120 10.34 32.51 13.86
C ASP A 120 10.22 33.77 13.02
N GLU A 121 11.33 34.17 12.40
CA GLU A 121 11.35 35.33 11.52
C GLU A 121 10.54 35.13 10.24
N VAL A 122 10.18 33.89 9.94
CA VAL A 122 9.36 33.63 8.76
C VAL A 122 7.91 33.96 9.09
N LYS A 123 7.44 35.08 8.56
CA LYS A 123 6.12 35.60 8.94
C LYS A 123 5.16 35.59 7.76
N SER A 124 5.70 35.83 6.57
CA SER A 124 4.88 35.96 5.37
C SER A 124 5.07 34.75 4.46
N SER A 125 4.18 34.60 3.48
CA SER A 125 4.33 33.54 2.51
C SER A 125 5.62 33.71 1.68
N SER A 126 5.96 34.95 1.32
CA SER A 126 7.21 35.19 0.60
C SER A 126 8.43 34.85 1.45
N ASP A 127 8.33 35.04 2.77
CA ASP A 127 9.40 34.68 3.69
C ASP A 127 9.61 33.17 3.64
N LEU A 128 8.50 32.43 3.55
CA LEU A 128 8.55 30.96 3.53
C LEU A 128 9.22 30.46 2.22
N LEU A 129 8.86 31.03 1.08
CA LEU A 129 9.51 30.67 -0.18
C LEU A 129 11.00 30.95 -0.10
N ARG A 130 11.36 32.12 0.42
CA ARG A 130 12.77 32.46 0.55
C ARG A 130 13.52 31.43 1.41
N PHE A 131 12.89 31.02 2.51
CA PHE A 131 13.52 30.06 3.41
C PHE A 131 13.83 28.73 2.69
N TYR A 132 12.84 28.17 2.00
CA TYR A 132 13.05 26.88 1.32
C TYR A 132 14.03 27.02 0.13
N GLN A 133 13.96 28.12 -0.59
CA GLN A 133 14.90 28.32 -1.72
C GLN A 133 16.34 28.44 -1.23
N ASN A 134 16.51 29.06 -0.07
CA ASN A 134 17.85 29.33 0.44
C ASN A 134 18.45 28.22 1.29
N TRP A 135 17.58 27.32 1.76
CA TRP A 135 18.00 26.21 2.61
C TRP A 135 18.99 25.31 1.87
N GLN A 136 20.10 24.98 2.53
CA GLN A 136 21.10 24.11 1.94
C GLN A 136 21.16 22.77 2.65
N PRO A 137 20.80 21.68 1.93
CA PRO A 137 20.88 20.37 2.57
C PRO A 137 22.29 19.97 2.96
N ALA A 138 22.37 19.36 4.13
CA ALA A 138 23.61 18.81 4.63
C ALA A 138 23.91 17.48 3.95
N TRP A 139 22.84 16.82 3.51
CA TRP A 139 22.90 15.44 3.05
C TRP A 139 22.11 15.24 1.79
N ALA A 140 22.53 14.26 0.99
CA ALA A 140 21.72 13.82 -0.14
C ALA A 140 20.35 13.37 0.31
N PRO A 141 19.35 13.46 -0.58
CA PRO A 141 18.00 13.04 -0.20
C PRO A 141 17.98 11.54 0.09
N GLY A 142 17.16 11.13 1.05
CA GLY A 142 16.97 9.73 1.30
C GLY A 142 18.14 9.05 1.98
N THR A 143 18.94 9.80 2.73
CA THR A 143 20.09 9.22 3.41
C THR A 143 20.09 9.39 4.92
N GLN A 144 19.50 10.48 5.41
CA GLN A 144 19.46 10.72 6.85
C GLN A 144 18.13 11.29 7.26
N ARG A 145 17.69 10.90 8.45
CA ARG A 145 16.46 11.37 9.02
C ARG A 145 16.75 12.43 10.08
N LEU A 146 16.09 13.57 9.95
CA LEU A 146 16.16 14.63 10.95
C LEU A 146 14.73 15.11 11.19
N TYR A 147 14.15 14.74 12.33
CA TYR A 147 12.77 15.07 12.63
C TYR A 147 12.54 16.57 12.48
N ALA A 148 11.50 16.98 11.75
CA ALA A 148 11.41 18.37 11.35
C ALA A 148 10.00 18.82 10.97
N ASN A 149 9.55 19.90 11.58
CA ASN A 149 8.27 20.52 11.21
C ASN A 149 8.35 21.12 9.82
N SER A 150 9.52 21.63 9.48
CA SER A 150 9.68 22.26 8.17
C SER A 150 9.60 21.25 7.05
N SER A 151 9.77 19.97 7.38
CA SER A 151 9.69 18.87 6.41
C SER A 151 8.26 18.39 6.27
N ILE A 152 7.70 17.78 7.31
CA ILE A 152 6.34 17.24 7.18
C ILE A 152 5.29 18.33 7.10
N GLY A 153 5.58 19.50 7.66
CA GLY A 153 4.67 20.62 7.53
C GLY A 153 4.51 21.05 6.08
N LEU A 154 5.63 21.11 5.36
CA LEU A 154 5.58 21.44 3.93
C LEU A 154 4.86 20.33 3.17
N PHE A 155 5.12 19.08 3.54
CA PHE A 155 4.40 17.99 2.90
C PHE A 155 2.90 18.19 3.03
N GLY A 156 2.42 18.49 4.25
CA GLY A 156 0.98 18.70 4.43
C GLY A 156 0.39 19.83 3.61
N ALA A 157 1.14 20.92 3.52
CA ALA A 157 0.64 22.08 2.76
C ALA A 157 0.59 21.73 1.27
N LEU A 158 1.57 20.98 0.78
CA LEU A 158 1.60 20.66 -0.65
C LEU A 158 0.60 19.55 -0.98
N ALA A 159 0.36 18.64 -0.03
CA ALA A 159 -0.49 17.50 -0.29
C ALA A 159 -1.92 17.91 -0.63
N VAL A 160 -2.36 19.05 -0.10
CA VAL A 160 -3.73 19.50 -0.30
C VAL A 160 -3.85 20.44 -1.50
N LYS A 161 -2.74 20.77 -2.17
CA LYS A 161 -2.88 21.75 -3.28
C LYS A 161 -3.85 21.30 -4.39
N PRO A 162 -3.73 20.04 -4.86
CA PRO A 162 -4.61 19.68 -5.98
C PRO A 162 -6.10 19.77 -5.63
N SER A 163 -6.45 19.47 -4.38
CA SER A 163 -7.84 19.57 -3.94
C SER A 163 -8.41 20.99 -4.05
N GLY A 164 -7.52 21.99 -4.07
CA GLY A 164 -7.91 23.39 -3.99
C GLY A 164 -8.43 23.84 -2.65
N LEU A 165 -8.46 22.93 -1.68
CA LEU A 165 -8.95 23.22 -0.34
C LEU A 165 -7.83 23.77 0.49
N SER A 166 -8.16 24.64 1.45
CA SER A 166 -7.17 24.98 2.47
C SER A 166 -6.80 23.73 3.26
N PHE A 167 -5.63 23.76 3.89
CA PHE A 167 -5.25 22.64 4.75
C PHE A 167 -6.36 22.33 5.79
N GLU A 168 -6.86 23.37 6.43
CA GLU A 168 -7.87 23.20 7.48
C GLU A 168 -9.17 22.63 6.87
N GLN A 169 -9.61 23.19 5.73
CA GLN A 169 -10.80 22.66 5.06
CA GLN A 169 -10.82 22.64 5.12
C GLN A 169 -10.65 21.19 4.68
N ALA A 170 -9.49 20.87 4.10
CA ALA A 170 -9.23 19.49 3.71
C ALA A 170 -9.26 18.58 4.96
N MET A 171 -8.55 18.97 6.02
CA MET A 171 -8.54 18.17 7.24
C MET A 171 -9.94 17.97 7.79
N GLN A 172 -10.72 19.05 7.86
CA GLN A 172 -12.08 18.94 8.38
C GLN A 172 -12.95 18.02 7.54
N THR A 173 -12.95 18.22 6.24
CA THR A 173 -13.92 17.51 5.42
C THR A 173 -13.48 16.08 5.13
N ARG A 174 -12.17 15.80 5.12
CA ARG A 174 -11.66 14.51 4.65
C ARG A 174 -11.22 13.58 5.77
N VAL A 175 -10.97 14.14 6.94
CA VAL A 175 -10.53 13.34 8.09
C VAL A 175 -11.44 13.53 9.31
N PHE A 176 -11.58 14.75 9.82
CA PHE A 176 -12.33 14.94 11.07
C PHE A 176 -13.81 14.52 10.91
N GLN A 177 -14.47 15.06 9.89
CA GLN A 177 -15.89 14.82 9.75
C GLN A 177 -16.23 13.35 9.50
N PRO A 178 -15.53 12.69 8.57
CA PRO A 178 -15.91 11.29 8.34
C PRO A 178 -15.70 10.40 9.58
N LEU A 179 -14.70 10.74 10.39
CA LEU A 179 -14.41 9.96 11.59
C LEU A 179 -15.20 10.45 12.80
N LYS A 180 -16.06 11.44 12.60
CA LYS A 180 -16.91 11.97 13.68
C LYS A 180 -16.08 12.56 14.82
N LEU A 181 -14.97 13.19 14.47
CA LEU A 181 -14.13 13.90 15.43
C LEU A 181 -14.68 15.32 15.44
N ASN A 182 -15.79 15.50 16.15
CA ASN A 182 -16.51 16.78 16.12
C ASN A 182 -16.04 17.77 17.20
N HIS A 183 -15.03 17.35 17.97
CA HIS A 183 -14.40 18.22 18.95
C HIS A 183 -12.89 18.20 18.80
N THR A 184 -12.48 18.21 17.53
CA THR A 184 -11.07 18.25 17.14
C THR A 184 -10.89 19.45 16.16
N TRP A 185 -9.88 20.28 16.42
CA TRP A 185 -9.80 21.60 15.80
C TRP A 185 -8.38 21.99 15.45
N ILE A 186 -8.19 22.63 14.31
CA ILE A 186 -6.93 23.30 14.02
C ILE A 186 -6.95 24.70 14.64
N ASN A 187 -8.13 25.32 14.64
CA ASN A 187 -8.35 26.57 15.33
C ASN A 187 -9.52 26.39 16.27
N VAL A 188 -9.30 26.60 17.57
CA VAL A 188 -10.37 26.40 18.55
C VAL A 188 -11.45 27.46 18.34
N PRO A 189 -12.68 27.03 18.02
CA PRO A 189 -13.77 28.01 17.83
C PRO A 189 -14.22 28.65 19.14
N PRO A 190 -14.77 29.86 19.09
CA PRO A 190 -15.22 30.49 20.34
C PRO A 190 -16.16 29.62 21.15
N ALA A 191 -17.03 28.88 20.47
CA ALA A 191 -18.00 28.01 21.14
C ALA A 191 -17.32 27.00 22.06
N GLU A 192 -16.07 26.65 21.76
CA GLU A 192 -15.40 25.58 22.49
C GLU A 192 -14.37 26.12 23.48
N GLU A 193 -14.22 27.44 23.59
CA GLU A 193 -13.19 27.99 24.48
C GLU A 193 -13.35 27.61 25.95
N LYS A 194 -14.59 27.44 26.42
CA LYS A 194 -14.84 27.01 27.80
C LYS A 194 -14.18 25.67 28.11
N ASN A 195 -13.89 24.89 27.07
CA ASN A 195 -13.31 23.57 27.24
C ASN A 195 -11.82 23.51 26.94
N TYR A 196 -11.25 24.63 26.51
CA TYR A 196 -9.87 24.64 26.08
C TYR A 196 -8.98 24.79 27.30
N ALA A 197 -8.29 23.72 27.66
CA ALA A 197 -7.38 23.80 28.80
C ALA A 197 -6.29 24.82 28.55
N TRP A 198 -5.76 25.38 29.64
CA TRP A 198 -4.47 26.07 29.58
C TRP A 198 -3.32 25.09 29.68
N GLY A 199 -2.24 25.36 28.96
CA GLY A 199 -0.99 24.67 29.20
C GLY A 199 -0.21 25.36 30.29
N TYR A 200 0.74 24.66 30.89
CA TYR A 200 1.50 25.24 31.98
C TYR A 200 2.97 25.03 31.74
N ARG A 201 3.69 26.13 31.73
CA ARG A 201 5.13 26.12 31.52
C ARG A 201 5.75 27.08 32.51
N GLU A 202 6.64 26.57 33.37
CA GLU A 202 7.27 27.38 34.40
C GLU A 202 6.19 28.10 35.21
N GLY A 203 5.10 27.40 35.47
CA GLY A 203 4.05 27.97 36.30
C GLY A 203 3.13 28.97 35.59
N LYS A 204 3.42 29.33 34.35
CA LYS A 204 2.57 30.27 33.62
C LYS A 204 1.59 29.52 32.72
N ALA A 205 0.36 30.03 32.64
CA ALA A 205 -0.66 29.51 31.72
C ALA A 205 -0.35 29.98 30.32
N VAL A 206 -0.26 29.04 29.37
CA VAL A 206 0.13 29.36 28.01
C VAL A 206 -0.67 28.58 26.98
N HIS A 207 -0.82 29.16 25.79
CA HIS A 207 -1.36 28.43 24.64
C HIS A 207 -0.34 28.51 23.52
N VAL A 208 -0.47 27.59 22.58
CA VAL A 208 0.45 27.57 21.42
C VAL A 208 0.46 28.92 20.70
N SER A 209 1.64 29.34 20.25
CA SER A 209 1.79 30.59 19.51
CA SER A 209 1.73 30.60 19.52
C SER A 209 1.65 30.34 18.02
N PRO A 210 1.13 31.31 17.27
CA PRO A 210 1.06 31.16 15.82
C PRO A 210 2.45 31.01 15.22
N GLY A 211 2.56 30.22 14.17
CA GLY A 211 3.81 30.09 13.45
C GLY A 211 3.58 29.53 12.06
N ALA A 212 4.58 29.69 11.21
CA ALA A 212 4.51 29.12 9.87
C ALA A 212 4.37 27.61 9.93
N LEU A 213 3.44 27.09 9.13
CA LEU A 213 3.19 25.65 9.07
C LEU A 213 2.80 25.04 10.43
N ASP A 214 2.23 25.88 11.31
CA ASP A 214 1.81 25.34 12.61
C ASP A 214 0.71 24.29 12.49
N ALA A 215 -0.31 24.59 11.68
CA ALA A 215 -1.44 23.67 11.57
C ALA A 215 -0.97 22.30 11.11
N GLU A 216 -0.07 22.32 10.12
CA GLU A 216 0.38 21.11 9.45
C GLU A 216 1.32 20.29 10.33
N ALA A 217 2.05 20.95 11.26
CA ALA A 217 3.07 20.26 12.03
C ALA A 217 2.72 20.00 13.51
N TYR A 218 1.96 20.88 14.12
CA TYR A 218 1.75 20.74 15.58
C TYR A 218 0.50 21.45 16.08
N GLY A 219 -0.44 21.77 15.18
CA GLY A 219 -1.51 22.67 15.58
C GLY A 219 -2.89 22.11 15.93
N VAL A 220 -3.05 20.80 16.03
CA VAL A 220 -4.37 20.25 16.34
C VAL A 220 -4.64 20.24 17.86
N LYS A 221 -5.90 20.51 18.21
CA LYS A 221 -6.38 20.41 19.59
C LYS A 221 -7.52 19.41 19.60
N SER A 222 -7.60 18.58 20.65
CA SER A 222 -8.63 17.55 20.66
C SER A 222 -8.99 17.13 22.07
N THR A 223 -10.10 16.42 22.20
CA THR A 223 -10.51 15.86 23.48
C THR A 223 -10.08 14.41 23.61
N ILE A 224 -10.16 13.87 24.84
CA ILE A 224 -9.77 12.49 25.02
C ILE A 224 -10.74 11.53 24.30
N GLU A 225 -12.01 11.92 24.15
CA GLU A 225 -12.95 11.09 23.42
C GLU A 225 -12.63 11.03 21.93
N ASP A 226 -12.36 12.19 21.34
CA ASP A 226 -12.00 12.18 19.91
C ASP A 226 -10.68 11.46 19.69
N MET A 227 -9.74 11.62 20.62
CA MET A 227 -8.46 10.96 20.41
C MET A 227 -8.63 9.43 20.53
N ALA A 228 -9.46 8.96 21.45
CA ALA A 228 -9.75 7.54 21.51
C ALA A 228 -10.35 7.06 20.19
N ARG A 229 -11.22 7.87 19.59
CA ARG A 229 -11.81 7.49 18.31
C ARG A 229 -10.77 7.50 17.19
N TRP A 230 -9.82 8.42 17.27
CA TRP A 230 -8.69 8.44 16.35
C TRP A 230 -7.90 7.13 16.48
N VAL A 231 -7.61 6.71 17.72
CA VAL A 231 -6.92 5.46 17.90
C VAL A 231 -7.71 4.26 17.34
N GLN A 232 -9.01 4.20 17.65
CA GLN A 232 -9.89 3.16 17.10
C GLN A 232 -9.82 3.13 15.58
N SER A 233 -9.80 4.31 14.96
CA SER A 233 -9.80 4.39 13.49
C SER A 233 -8.50 3.87 12.91
N ASN A 234 -7.40 4.17 13.60
CA ASN A 234 -6.09 3.70 13.18
C ASN A 234 -5.83 2.25 13.52
N LEU A 235 -6.53 1.72 14.51
CA LEU A 235 -6.45 0.29 14.86
C LEU A 235 -7.15 -0.58 13.83
N LYS A 236 -8.28 -0.10 13.34
CA LYS A 236 -9.21 -0.86 12.49
C LYS A 236 -9.68 -0.04 11.30
N PRO A 237 -8.77 0.28 10.38
CA PRO A 237 -9.14 1.17 9.26
C PRO A 237 -10.20 0.57 8.31
N LEU A 238 -10.32 -0.75 8.27
CA LEU A 238 -11.26 -1.36 7.33
C LEU A 238 -12.72 -1.06 7.71
N ASP A 239 -12.94 -0.65 8.95
CA ASP A 239 -14.29 -0.27 9.37
C ASP A 239 -14.69 1.10 8.82
N ILE A 240 -13.71 1.83 8.32
CA ILE A 240 -13.97 3.17 7.80
C ILE A 240 -14.66 3.07 6.46
N ASN A 241 -15.82 3.71 6.33
CA ASN A 241 -16.63 3.63 5.13
C ASN A 241 -16.06 4.38 3.92
N GLU A 242 -15.38 5.49 4.19
CA GLU A 242 -14.78 6.29 3.13
C GLU A 242 -13.50 5.61 2.62
N LYS A 243 -13.52 5.15 1.38
CA LYS A 243 -12.46 4.29 0.85
C LYS A 243 -11.07 4.94 0.84
N THR A 244 -10.97 6.18 0.39
CA THR A 244 -9.66 6.80 0.31
C THR A 244 -9.08 7.08 1.72
N LEU A 245 -9.95 7.26 2.70
CA LEU A 245 -9.52 7.54 4.07
C LEU A 245 -9.01 6.24 4.69
N GLN A 246 -9.77 5.18 4.47
CA GLN A 246 -9.34 3.86 4.89
C GLN A 246 -7.94 3.59 4.33
N GLN A 247 -7.77 3.83 3.04
CA GLN A 247 -6.48 3.58 2.41
C GLN A 247 -5.40 4.51 2.94
N GLY A 248 -5.74 5.78 3.15
CA GLY A 248 -4.76 6.71 3.69
C GLY A 248 -4.22 6.32 5.05
N ILE A 249 -5.08 5.80 5.90
CA ILE A 249 -4.64 5.30 7.19
C ILE A 249 -3.65 4.15 7.01
N GLN A 250 -3.95 3.26 6.07
CA GLN A 250 -3.06 2.15 5.80
CA GLN A 250 -3.06 2.15 5.81
C GLN A 250 -1.72 2.68 5.26
N LEU A 251 -1.76 3.68 4.37
CA LEU A 251 -0.52 4.24 3.87
C LEU A 251 0.36 4.93 4.94
N ALA A 252 -0.30 5.55 5.92
CA ALA A 252 0.45 6.26 6.95
C ALA A 252 1.16 5.31 7.92
N GLN A 253 0.70 4.06 7.96
CA GLN A 253 1.35 3.06 8.80
C GLN A 253 2.29 2.14 8.05
N SER A 254 2.48 2.40 6.76
CA SER A 254 3.46 1.64 6.01
C SER A 254 4.86 2.05 6.44
N ARG A 255 5.82 1.15 6.23
CA ARG A 255 7.16 1.37 6.78
C ARG A 255 8.09 1.81 5.64
N TYR A 256 8.50 3.07 5.65
CA TYR A 256 9.26 3.66 4.53
C TYR A 256 10.77 3.67 4.74
N TRP A 257 11.20 3.77 6.01
CA TRP A 257 12.62 3.89 6.34
C TRP A 257 12.81 3.20 7.66
N GLN A 258 14.01 2.69 7.87
CA GLN A 258 14.37 2.14 9.18
C GLN A 258 15.57 2.87 9.74
N THR A 259 15.50 3.22 11.02
CA THR A 259 16.68 3.65 11.76
C THR A 259 16.65 2.93 13.10
N GLY A 260 17.70 2.15 13.35
CA GLY A 260 17.69 1.33 14.53
C GLY A 260 16.51 0.38 14.48
N ASP A 261 15.76 0.33 15.58
CA ASP A 261 14.61 -0.55 15.66
C ASP A 261 13.32 0.15 15.24
N MET A 262 13.40 1.39 14.77
CA MET A 262 12.19 2.12 14.44
CA MET A 262 12.20 2.17 14.43
C MET A 262 11.98 2.26 12.93
N TYR A 263 10.70 2.26 12.56
CA TYR A 263 10.28 2.44 11.17
C TYR A 263 9.49 3.73 11.06
N GLN A 264 9.78 4.51 10.01
CA GLN A 264 9.09 5.76 9.81
C GLN A 264 7.92 5.59 8.87
N GLY A 265 6.74 5.96 9.35
CA GLY A 265 5.54 6.01 8.53
C GLY A 265 5.25 7.44 8.11
N LEU A 266 3.98 7.75 7.81
CA LEU A 266 3.64 9.15 7.52
C LEU A 266 3.04 9.68 8.81
N GLY A 267 3.86 10.43 9.56
CA GLY A 267 3.44 10.92 10.87
C GLY A 267 3.64 9.85 11.94
N TRP A 268 2.97 8.71 11.82
CA TRP A 268 3.19 7.60 12.75
C TRP A 268 4.62 7.09 12.66
N GLU A 269 5.12 6.59 13.80
CA GLU A 269 6.33 5.81 13.85
C GLU A 269 6.00 4.44 14.41
N MET A 270 6.78 3.44 14.02
CA MET A 270 6.41 2.06 14.35
C MET A 270 7.62 1.23 14.75
N LEU A 271 7.41 0.30 15.68
CA LEU A 271 8.39 -0.74 16.00
C LEU A 271 7.66 -2.07 15.92
N ASP A 272 8.39 -3.14 15.67
CA ASP A 272 7.81 -4.48 15.77
C ASP A 272 7.38 -4.80 17.19
N TRP A 273 6.20 -5.39 17.31
CA TRP A 273 5.72 -5.90 18.60
C TRP A 273 5.95 -7.41 18.65
N PRO A 274 6.48 -7.92 19.78
CA PRO A 274 6.77 -7.22 21.03
C PRO A 274 8.01 -6.35 20.93
N VAL A 275 7.94 -5.24 21.64
CA VAL A 275 9.00 -4.26 21.56
C VAL A 275 9.80 -4.47 22.79
N ASN A 276 11.06 -4.08 22.69
CA ASN A 276 11.86 -3.88 23.89
C ASN A 276 11.45 -2.54 24.51
N PRO A 277 10.91 -2.56 25.73
CA PRO A 277 10.46 -1.27 26.30
C PRO A 277 11.58 -0.24 26.45
N ASP A 278 12.80 -0.69 26.74
CA ASP A 278 13.95 0.20 26.79
C ASP A 278 14.19 0.84 25.42
N SER A 279 13.87 0.12 24.36
CA SER A 279 14.07 0.62 23.00
C SER A 279 13.13 1.80 22.72
N ILE A 280 11.86 1.67 23.10
CA ILE A 280 10.91 2.75 22.87
C ILE A 280 10.95 3.84 23.95
N ILE A 281 11.19 3.44 25.19
CA ILE A 281 11.27 4.41 26.27
C ILE A 281 12.45 5.32 26.05
N ASN A 282 13.65 4.75 25.92
CA ASN A 282 14.83 5.55 25.69
C ASN A 282 14.80 6.24 24.34
N GLY A 283 14.22 5.55 23.34
CA GLY A 283 14.13 6.08 22.01
C GLY A 283 13.28 7.33 21.90
N SER A 284 12.34 7.50 22.85
CA SER A 284 11.44 8.65 22.84
C SER A 284 12.06 9.93 23.37
N ASP A 285 13.14 9.79 24.13
CA ASP A 285 13.85 10.94 24.66
C ASP A 285 14.32 11.77 23.50
N ASN A 286 14.14 13.08 23.62
CA ASN A 286 14.48 13.96 22.55
C ASN A 286 15.99 13.94 22.17
N LYS A 287 16.83 13.46 23.12
CA LYS A 287 18.26 13.21 22.80
C LYS A 287 18.42 12.22 21.64
N ILE A 288 17.42 11.40 21.45
CA ILE A 288 17.46 10.41 20.38
C ILE A 288 16.49 10.77 19.27
N ALA A 289 15.30 11.15 19.68
N ALA A 289 18.04 17.74 21.40
CA ALA A 289 14.19 11.37 18.77
CA ALA A 289 17.52 18.88 20.60
C ALA A 289 14.44 12.51 17.81
C ALA A 289 17.59 18.71 19.08
N LEU A 290 15.22 13.50 18.24
N LEU A 290 18.58 17.95 18.61
CA LEU A 290 15.43 14.69 17.44
CA LEU A 290 18.79 17.64 17.20
C LEU A 290 16.80 14.67 16.74
C LEU A 290 19.43 16.26 17.16
N ALA A 291 17.55 13.58 16.90
N ALA A 291 18.75 15.29 16.54
CA ALA A 291 18.94 13.50 16.40
CA ALA A 291 19.23 13.90 16.45
C ALA A 291 19.06 13.27 14.88
C ALA A 291 19.14 13.35 15.03
N ALA A 292 20.21 13.59 14.29
CA ALA A 292 20.39 13.20 12.89
C ALA A 292 20.81 11.73 12.82
N ARG A 293 20.03 10.90 12.11
CA ARG A 293 20.32 9.47 12.05
CA ARG A 293 20.35 9.47 12.05
C ARG A 293 20.31 8.95 10.62
N PRO A 294 21.32 8.15 10.26
CA PRO A 294 21.25 7.50 8.94
C PRO A 294 20.03 6.61 8.84
N VAL A 295 19.43 6.56 7.66
CA VAL A 295 18.27 5.69 7.43
C VAL A 295 18.55 4.71 6.34
N LYS A 296 17.91 3.55 6.46
CA LYS A 296 17.91 2.55 5.41
C LYS A 296 16.55 2.61 4.73
N ALA A 297 16.56 2.70 3.40
CA ALA A 297 15.33 2.67 2.66
C ALA A 297 14.75 1.29 2.74
N ILE A 298 13.43 1.24 2.88
CA ILE A 298 12.68 -0.01 2.77
C ILE A 298 12.05 -0.02 1.37
N THR A 299 12.62 -0.87 0.54
CA THR A 299 12.41 -0.80 -0.89
C THR A 299 11.79 -2.08 -1.43
N PRO A 300 10.49 -2.07 -1.71
CA PRO A 300 9.49 -1.02 -1.48
C PRO A 300 9.01 -1.04 -0.03
N PRO A 301 8.24 -0.03 0.38
CA PRO A 301 7.80 0.04 1.77
C PRO A 301 7.01 -1.20 2.18
N THR A 302 7.05 -1.52 3.47
CA THR A 302 6.26 -2.65 3.94
C THR A 302 4.90 -2.14 4.32
N PRO A 303 3.84 -2.76 3.79
CA PRO A 303 2.48 -2.37 4.19
C PRO A 303 2.29 -2.53 5.69
N ALA A 304 1.38 -1.72 6.25
CA ALA A 304 1.16 -1.69 7.69
C ALA A 304 1.18 -3.08 8.30
N VAL A 305 2.06 -3.26 9.27
CA VAL A 305 2.23 -4.50 9.98
C VAL A 305 1.35 -4.51 11.24
N ARG A 306 0.45 -5.49 11.36
CA ARG A 306 -0.46 -5.46 12.50
C ARG A 306 0.21 -5.68 13.85
N ALA A 307 1.26 -6.50 13.87
CA ALA A 307 2.05 -6.70 15.09
C ALA A 307 3.09 -5.59 15.26
N SER A 308 2.60 -4.38 15.48
CA SER A 308 3.46 -3.22 15.63
C SER A 308 3.07 -2.46 16.89
N TRP A 309 4.05 -1.83 17.51
CA TRP A 309 3.81 -0.75 18.44
C TRP A 309 3.82 0.51 17.55
N VAL A 310 2.68 1.16 17.40
CA VAL A 310 2.57 2.33 16.53
C VAL A 310 2.37 3.49 17.48
N HIS A 311 3.16 4.55 17.34
CA HIS A 311 3.03 5.63 18.32
C HIS A 311 3.48 7.00 17.83
N LYS A 312 3.19 8.04 18.63
CA LYS A 312 3.70 9.37 18.37
C LYS A 312 3.64 10.18 19.65
N THR A 313 4.74 10.86 19.95
CA THR A 313 4.75 11.89 21.00
C THR A 313 4.40 13.29 20.46
N GLY A 314 3.87 14.15 21.31
CA GLY A 314 3.65 15.52 20.89
C GLY A 314 3.88 16.48 22.04
N ALA A 315 4.38 17.67 21.70
CA ALA A 315 4.57 18.72 22.67
C ALA A 315 4.26 20.07 22.10
N THR A 316 3.69 20.92 22.95
CA THR A 316 3.81 22.36 22.75
C THR A 316 4.42 22.93 24.03
N GLY A 317 4.63 24.25 24.09
CA GLY A 317 5.21 24.82 25.29
C GLY A 317 4.53 24.36 26.57
N GLY A 318 3.21 24.22 26.54
CA GLY A 318 2.45 23.93 27.73
C GLY A 318 1.78 22.56 27.80
N PHE A 319 2.00 21.70 26.81
CA PHE A 319 1.26 20.44 26.73
C PHE A 319 2.17 19.29 26.32
N GLY A 320 1.82 18.09 26.79
CA GLY A 320 2.54 16.88 26.45
C GLY A 320 1.56 15.78 26.17
N SER A 321 1.62 15.22 24.97
CA SER A 321 0.67 14.20 24.53
CA SER A 321 0.68 14.21 24.51
C SER A 321 1.41 12.95 24.10
N TYR A 322 0.72 11.82 24.16
CA TYR A 322 1.28 10.58 23.66
C TYR A 322 0.19 9.65 23.22
N VAL A 323 0.39 9.00 22.07
CA VAL A 323 -0.54 7.98 21.63
C VAL A 323 0.25 6.75 21.24
N ALA A 324 -0.23 5.57 21.63
CA ALA A 324 0.39 4.34 21.18
C ALA A 324 -0.68 3.26 21.02
N PHE A 325 -0.51 2.38 20.04
CA PHE A 325 -1.46 1.29 19.88
C PHE A 325 -0.84 0.10 19.16
N ILE A 326 -1.47 -1.05 19.34
CA ILE A 326 -0.99 -2.30 18.78
C ILE A 326 -2.13 -2.95 18.02
N PRO A 327 -2.16 -2.80 16.69
CA PRO A 327 -3.31 -3.27 15.92
C PRO A 327 -3.66 -4.72 16.18
N GLU A 328 -2.66 -5.62 16.20
CA GLU A 328 -2.88 -7.04 16.41
C GLU A 328 -3.67 -7.33 17.67
N LYS A 329 -3.51 -6.49 18.69
CA LYS A 329 -4.13 -6.74 20.00
C LYS A 329 -5.39 -5.90 20.23
N GLU A 330 -5.72 -5.05 19.28
CA GLU A 330 -6.89 -4.16 19.41
C GLU A 330 -6.79 -3.32 20.68
N LEU A 331 -5.58 -2.85 20.93
CA LEU A 331 -5.20 -2.25 22.21
C LEU A 331 -4.52 -0.92 21.98
N GLY A 332 -4.87 0.09 22.75
CA GLY A 332 -4.18 1.35 22.61
C GLY A 332 -4.37 2.28 23.76
N ILE A 333 -3.63 3.39 23.74
CA ILE A 333 -3.73 4.35 24.79
C ILE A 333 -3.50 5.76 24.25
N VAL A 334 -4.18 6.72 24.86
CA VAL A 334 -3.92 8.14 24.65
C VAL A 334 -3.68 8.77 26.01
N MET A 335 -2.62 9.58 26.10
CA MET A 335 -2.32 10.32 27.33
C MET A 335 -2.19 11.80 26.98
N LEU A 336 -3.11 12.62 27.49
CA LEU A 336 -3.08 14.07 27.20
C LEU A 336 -2.85 14.83 28.50
N ALA A 337 -1.83 15.69 28.54
CA ALA A 337 -1.53 16.45 29.76
C ALA A 337 -1.27 17.88 29.39
N ASN A 338 -1.55 18.80 30.32
CA ASN A 338 -1.27 20.21 30.12
C ASN A 338 0.00 20.65 30.82
N LYS A 339 1.03 19.81 30.67
CA LYS A 339 2.42 20.18 30.95
C LYS A 339 3.26 19.35 29.96
N ASN A 340 4.28 19.97 29.39
CA ASN A 340 5.25 19.26 28.53
C ASN A 340 6.34 18.56 29.37
N TYR A 341 6.02 17.34 29.80
CA TYR A 341 6.87 16.54 30.71
C TYR A 341 7.65 15.53 29.87
N PRO A 342 8.73 14.97 30.40
CA PRO A 342 9.66 14.22 29.55
C PRO A 342 9.06 13.03 28.80
N ASN A 343 9.43 12.89 27.52
CA ASN A 343 8.92 11.79 26.71
C ASN A 343 9.10 10.40 27.35
N PRO A 344 10.29 10.12 27.91
CA PRO A 344 10.49 8.77 28.42
C PRO A 344 9.47 8.40 29.50
N ALA A 345 9.03 9.36 30.31
CA ALA A 345 8.03 9.09 31.32
C ALA A 345 6.68 8.72 30.68
N ARG A 346 6.36 9.35 29.54
CA ARG A 346 5.15 9.02 28.82
C ARG A 346 5.21 7.59 28.32
N VAL A 347 6.32 7.24 27.65
CA VAL A 347 6.40 5.93 27.03
C VAL A 347 6.44 4.83 28.10
N ASP A 348 7.14 5.08 29.20
CA ASP A 348 7.21 4.10 30.27
CA ASP A 348 7.22 4.13 30.28
C ASP A 348 5.82 3.84 30.83
N ALA A 349 5.03 4.90 31.03
CA ALA A 349 3.71 4.69 31.58
C ALA A 349 2.80 3.96 30.59
N ALA A 350 2.88 4.34 29.32
CA ALA A 350 2.04 3.70 28.31
C ALA A 350 2.39 2.22 28.22
N TRP A 351 3.69 1.92 28.21
CA TRP A 351 4.09 0.53 28.09
C TRP A 351 3.64 -0.28 29.30
N GLN A 352 3.80 0.29 30.50
CA GLN A 352 3.38 -0.41 31.71
C GLN A 352 1.88 -0.77 31.60
N ILE A 353 1.08 0.18 31.12
CA ILE A 353 -0.35 -0.06 31.00
C ILE A 353 -0.65 -1.10 29.91
N LEU A 354 -0.14 -0.88 28.69
CA LEU A 354 -0.49 -1.79 27.61
C LEU A 354 0.07 -3.20 27.82
N ASN A 355 1.28 -3.30 28.33
CA ASN A 355 1.83 -4.62 28.56
C ASN A 355 1.01 -5.43 29.57
N ALA A 356 0.47 -4.75 30.58
CA ALA A 356 -0.33 -5.42 31.59
C ALA A 356 -1.67 -5.90 31.03
N LEU A 357 -2.16 -5.22 30.00
CA LEU A 357 -3.45 -5.55 29.41
C LEU A 357 -3.35 -6.50 28.24
N GLN A 358 -2.14 -6.66 27.73
CA GLN A 358 -1.95 -7.42 26.51
C GLN A 358 -1.83 -8.90 26.82
N ALA B 1 -27.71 -9.85 -22.81
CA ALA B 1 -26.90 -8.66 -22.60
C ALA B 1 -27.49 -7.45 -23.33
N PRO B 2 -27.23 -6.23 -22.84
CA PRO B 2 -27.55 -5.05 -23.65
C PRO B 2 -27.13 -5.29 -25.09
N GLN B 3 -27.92 -4.81 -26.04
CA GLN B 3 -27.65 -4.97 -27.47
CA GLN B 3 -27.60 -5.06 -27.44
C GLN B 3 -26.31 -4.35 -27.84
N GLN B 4 -25.93 -3.30 -27.13
CA GLN B 4 -24.69 -2.59 -27.45
C GLN B 4 -23.51 -3.53 -27.28
N ILE B 5 -23.56 -4.36 -26.23
CA ILE B 5 -22.49 -5.30 -25.97
C ILE B 5 -22.51 -6.40 -27.02
N ASN B 6 -23.69 -6.97 -27.26
CA ASN B 6 -23.82 -8.00 -28.28
C ASN B 6 -23.29 -7.52 -29.63
N ASP B 7 -23.63 -6.30 -30.00
CA ASP B 7 -23.25 -5.79 -31.30
C ASP B 7 -21.73 -5.68 -31.45
N ILE B 8 -21.08 -5.03 -30.49
CA ILE B 8 -19.64 -4.79 -30.65
C ILE B 8 -18.88 -6.10 -30.50
N VAL B 9 -19.32 -6.98 -29.61
CA VAL B 9 -18.67 -8.26 -29.48
C VAL B 9 -18.79 -9.08 -30.77
N HIS B 10 -20.00 -9.14 -31.34
CA HIS B 10 -20.25 -9.96 -32.52
C HIS B 10 -19.49 -9.35 -33.69
N ARG B 11 -19.44 -8.02 -33.74
CA ARG B 11 -18.77 -7.38 -34.86
C ARG B 11 -17.25 -7.48 -34.75
N THR B 12 -16.73 -7.69 -33.54
CA THR B 12 -15.30 -7.65 -33.33
C THR B 12 -14.73 -9.06 -33.21
N ILE B 13 -15.35 -9.89 -32.37
CA ILE B 13 -14.78 -11.22 -32.08
C ILE B 13 -15.15 -12.20 -33.15
N THR B 14 -16.38 -12.12 -33.66
CA THR B 14 -16.83 -13.17 -34.57
C THR B 14 -15.92 -13.14 -35.78
N PRO B 15 -15.65 -11.94 -36.35
CA PRO B 15 -14.66 -11.86 -37.43
C PRO B 15 -13.22 -12.21 -37.05
N LEU B 16 -12.78 -11.88 -35.85
CA LEU B 16 -11.45 -12.25 -35.39
C LEU B 16 -11.24 -13.76 -35.45
N ILE B 17 -12.27 -14.51 -35.08
CA ILE B 17 -12.18 -15.96 -35.07
C ILE B 17 -11.96 -16.51 -36.47
N GLU B 18 -12.67 -15.93 -37.44
CA GLU B 18 -12.51 -16.37 -38.82
C GLU B 18 -11.12 -16.03 -39.34
N GLN B 19 -10.66 -14.80 -39.08
CA GLN B 19 -9.34 -14.35 -39.55
C GLN B 19 -8.20 -15.16 -38.96
N GLN B 20 -8.36 -15.57 -37.71
CA GLN B 20 -7.26 -16.24 -37.03
C GLN B 20 -7.40 -17.74 -37.05
N LYS B 21 -8.50 -18.21 -37.64
CA LYS B 21 -8.84 -19.63 -37.67
C LYS B 21 -8.84 -20.26 -36.26
N ILE B 22 -9.52 -19.61 -35.34
CA ILE B 22 -9.60 -20.10 -33.96
C ILE B 22 -10.70 -21.17 -33.83
N PRO B 23 -10.33 -22.38 -33.35
CA PRO B 23 -11.34 -23.45 -33.25
C PRO B 23 -12.48 -23.17 -32.28
N GLY B 24 -12.15 -22.61 -31.11
CA GLY B 24 -13.13 -22.36 -30.08
C GLY B 24 -12.74 -21.15 -29.26
N MET B 25 -13.73 -20.42 -28.78
CA MET B 25 -13.46 -19.18 -28.08
C MET B 25 -14.59 -18.86 -27.12
N ALA B 26 -14.21 -18.35 -25.95
CA ALA B 26 -15.16 -17.81 -25.00
C ALA B 26 -14.73 -16.41 -24.64
N VAL B 27 -15.70 -15.53 -24.47
CA VAL B 27 -15.43 -14.16 -24.09
C VAL B 27 -16.39 -13.79 -22.98
N ALA B 28 -15.90 -13.05 -21.98
CA ALA B 28 -16.77 -12.41 -21.01
C ALA B 28 -16.56 -10.92 -21.09
N VAL B 29 -17.63 -10.16 -21.08
CA VAL B 29 -17.52 -8.73 -20.91
C VAL B 29 -18.14 -8.37 -19.58
N ILE B 30 -17.37 -7.64 -18.78
CA ILE B 30 -17.90 -7.08 -17.56
C ILE B 30 -18.27 -5.64 -17.84
N TYR B 31 -19.57 -5.34 -17.70
CA TYR B 31 -20.11 -4.03 -17.97
C TYR B 31 -20.92 -3.57 -16.77
N GLN B 32 -20.58 -2.39 -16.25
CA GLN B 32 -21.18 -1.89 -15.01
C GLN B 32 -21.14 -2.99 -13.95
N GLY B 33 -20.00 -3.67 -13.93
CA GLY B 33 -19.72 -4.70 -12.93
C GLY B 33 -20.38 -6.06 -13.13
N LYS B 34 -21.22 -6.20 -14.16
CA LYS B 34 -21.94 -7.46 -14.38
C LYS B 34 -21.38 -8.19 -15.60
N PRO B 35 -21.37 -9.53 -15.55
CA PRO B 35 -20.78 -10.34 -16.63
C PRO B 35 -21.76 -10.74 -17.72
N TYR B 36 -21.25 -10.72 -18.95
CA TYR B 36 -21.97 -11.16 -20.14
C TYR B 36 -21.08 -12.11 -20.95
N TYR B 37 -21.65 -13.24 -21.34
CA TYR B 37 -20.88 -14.33 -21.91
C TYR B 37 -21.20 -14.62 -23.37
N PHE B 38 -20.18 -15.05 -24.09
CA PHE B 38 -20.23 -15.30 -25.52
C PHE B 38 -19.37 -16.51 -25.81
N THR B 39 -19.88 -17.44 -26.61
CA THR B 39 -19.10 -18.61 -26.97
C THR B 39 -19.22 -18.93 -28.47
N TRP B 40 -18.16 -19.52 -29.01
CA TRP B 40 -18.11 -19.90 -30.42
C TRP B 40 -17.36 -21.19 -30.51
N GLY B 41 -17.77 -22.06 -31.41
CA GLY B 41 -16.88 -23.11 -31.86
C GLY B 41 -16.71 -24.26 -30.90
N TYR B 42 -15.60 -24.97 -31.07
CA TYR B 42 -15.36 -26.24 -30.40
C TYR B 42 -14.20 -26.23 -29.43
N ALA B 43 -14.44 -26.82 -28.26
CA ALA B 43 -13.39 -27.11 -27.28
C ALA B 43 -12.57 -28.32 -27.72
N ASP B 44 -13.26 -29.28 -28.35
CA ASP B 44 -12.64 -30.46 -28.91
C ASP B 44 -13.22 -30.68 -30.30
N ILE B 45 -12.38 -30.52 -31.31
CA ILE B 45 -12.84 -30.57 -32.70
C ILE B 45 -13.31 -31.98 -33.09
N ALA B 46 -12.47 -32.96 -32.78
CA ALA B 46 -12.81 -34.34 -33.14
C ALA B 46 -14.13 -34.79 -32.50
N LYS B 47 -14.32 -34.50 -31.22
CA LYS B 47 -15.56 -34.86 -30.53
C LYS B 47 -16.70 -33.91 -30.87
N LYS B 48 -16.37 -32.82 -31.56
CA LYS B 48 -17.33 -31.77 -31.86
C LYS B 48 -18.01 -31.35 -30.57
N GLN B 49 -17.18 -31.15 -29.55
CA GLN B 49 -17.66 -30.72 -28.25
C GLN B 49 -17.62 -29.21 -28.21
N PRO B 50 -18.78 -28.56 -28.03
CA PRO B 50 -18.80 -27.11 -28.09
C PRO B 50 -18.10 -26.46 -26.89
N VAL B 51 -17.57 -25.28 -27.13
CA VAL B 51 -17.17 -24.42 -26.02
C VAL B 51 -18.45 -24.03 -25.28
N THR B 52 -18.40 -24.10 -23.95
CA THR B 52 -19.51 -23.68 -23.11
C THR B 52 -18.97 -22.79 -21.99
N GLN B 53 -19.86 -22.34 -21.12
CA GLN B 53 -19.46 -21.58 -19.94
C GLN B 53 -18.59 -22.42 -18.97
N GLN B 54 -18.58 -23.74 -19.18
CA GLN B 54 -17.83 -24.61 -18.28
CA GLN B 54 -17.89 -24.70 -18.34
C GLN B 54 -16.53 -25.13 -18.87
N THR B 55 -16.18 -24.67 -20.06
CA THR B 55 -14.97 -25.16 -20.72
C THR B 55 -13.75 -24.56 -20.05
N LEU B 56 -12.79 -25.41 -19.68
CA LEU B 56 -11.53 -24.90 -19.14
C LEU B 56 -10.52 -24.68 -20.25
N PHE B 57 -9.89 -23.51 -20.20
CA PHE B 57 -8.83 -23.12 -21.15
C PHE B 57 -7.53 -22.98 -20.39
N GLU B 58 -6.42 -23.24 -21.07
CA GLU B 58 -5.12 -22.88 -20.49
C GLU B 58 -4.94 -21.37 -20.53
N LEU B 59 -4.69 -20.78 -19.37
CA LEU B 59 -4.48 -19.33 -19.27
C LEU B 59 -3.07 -18.89 -19.67
N GLY B 60 -2.13 -19.83 -19.73
CA GLY B 60 -0.73 -19.47 -19.96
C GLY B 60 -0.32 -18.37 -18.98
N SER B 61 0.38 -17.33 -19.45
CA SER B 61 0.92 -16.33 -18.53
C SER B 61 -0.11 -15.40 -17.85
N VAL B 62 -1.39 -15.50 -18.20
CA VAL B 62 -2.39 -14.83 -17.37
C VAL B 62 -2.33 -15.41 -15.94
N SER B 63 -1.79 -16.63 -15.83
CA SER B 63 -1.49 -17.24 -14.52
C SER B 63 -0.65 -16.31 -13.65
N LYS B 64 0.19 -15.49 -14.28
CA LYS B 64 1.07 -14.59 -13.51
C LYS B 64 0.28 -13.61 -12.65
N THR B 65 -0.94 -13.29 -13.06
CA THR B 65 -1.76 -12.40 -12.26
C THR B 65 -2.22 -13.09 -10.98
N PHE B 66 -2.50 -14.39 -11.06
CA PHE B 66 -2.80 -15.15 -9.85
C PHE B 66 -1.57 -15.23 -8.94
N THR B 67 -0.40 -15.49 -9.52
CA THR B 67 0.82 -15.54 -8.74
C THR B 67 1.08 -14.20 -8.07
N GLY B 68 0.87 -13.10 -8.80
CA GLY B 68 1.11 -11.78 -8.24
C GLY B 68 0.18 -11.49 -7.06
N VAL B 69 -1.09 -11.86 -7.20
CA VAL B 69 -2.06 -11.62 -6.14
C VAL B 69 -1.81 -12.54 -4.94
N LEU B 70 -1.38 -13.79 -5.19
CA LEU B 70 -1.04 -14.66 -4.08
C LEU B 70 0.16 -14.11 -3.33
N GLY B 71 1.12 -13.55 -4.06
CA GLY B 71 2.24 -12.91 -3.40
C GLY B 71 1.78 -11.70 -2.60
N GLY B 72 0.89 -10.92 -3.20
CA GLY B 72 0.35 -9.77 -2.50
C GLY B 72 -0.34 -10.16 -1.19
N ASP B 73 -1.10 -11.25 -1.24
CA ASP B 73 -1.78 -11.78 -0.07
C ASP B 73 -0.76 -12.19 1.01
N ALA B 74 0.35 -12.81 0.59
CA ALA B 74 1.39 -13.18 1.55
C ALA B 74 2.05 -11.96 2.18
N ILE B 75 2.21 -10.90 1.40
CA ILE B 75 2.72 -9.64 1.98
C ILE B 75 1.74 -9.09 3.02
N ALA B 76 0.47 -9.04 2.66
CA ALA B 76 -0.59 -8.56 3.56
C ALA B 76 -0.65 -9.35 4.85
N ARG B 77 -0.40 -10.66 4.76
CA ARG B 77 -0.38 -11.54 5.94
C ARG B 77 0.86 -11.34 6.79
N GLY B 78 1.82 -10.55 6.30
CA GLY B 78 3.04 -10.34 7.06
C GLY B 78 3.99 -11.52 6.96
N GLU B 79 3.77 -12.41 5.98
CA GLU B 79 4.64 -13.58 5.76
C GLU B 79 5.92 -13.27 4.98
N ILE B 80 5.81 -12.35 4.00
CA ILE B 80 6.97 -11.90 3.23
C ILE B 80 6.95 -10.39 3.08
N LYS B 81 8.09 -9.83 2.69
CA LYS B 81 8.15 -8.42 2.30
C LYS B 81 8.90 -8.36 0.98
N LEU B 82 8.49 -7.46 0.08
CA LEU B 82 9.16 -7.41 -1.22
C LEU B 82 10.58 -6.86 -1.10
N SER B 83 10.87 -6.21 0.01
CA SER B 83 12.24 -5.73 0.25
C SER B 83 13.19 -6.82 0.77
N ASP B 84 12.68 -8.01 1.03
CA ASP B 84 13.51 -9.08 1.58
C ASP B 84 14.36 -9.79 0.53
N PRO B 85 15.66 -9.93 0.80
CA PRO B 85 16.54 -10.67 -0.10
C PRO B 85 15.96 -12.02 -0.48
N THR B 86 16.16 -12.40 -1.73
CA THR B 86 15.75 -13.72 -2.20
C THR B 86 16.24 -14.81 -1.24
N THR B 87 17.48 -14.67 -0.78
CA THR B 87 18.11 -15.68 0.06
C THR B 87 17.41 -15.86 1.43
N LYS B 88 16.63 -14.88 1.86
CA LYS B 88 15.90 -15.03 3.11
C LYS B 88 14.97 -16.25 3.08
N TYR B 89 14.39 -16.52 1.91
CA TYR B 89 13.46 -17.62 1.79
C TYR B 89 14.04 -18.81 1.05
N TRP B 90 15.27 -18.66 0.55
CA TRP B 90 15.97 -19.78 -0.07
C TRP B 90 17.39 -19.76 0.44
N PRO B 91 17.57 -20.25 1.67
CA PRO B 91 18.86 -20.07 2.33
C PRO B 91 20.00 -20.76 1.60
N GLU B 92 19.70 -21.81 0.84
CA GLU B 92 20.69 -22.53 0.06
C GLU B 92 21.22 -21.71 -1.13
N LEU B 93 20.54 -20.62 -1.48
CA LEU B 93 20.94 -19.78 -2.59
C LEU B 93 22.02 -18.79 -2.15
N THR B 94 23.26 -19.25 -2.09
CA THR B 94 24.30 -18.49 -1.43
C THR B 94 25.28 -17.76 -2.36
N ALA B 95 25.17 -17.96 -3.67
CA ALA B 95 26.16 -17.38 -4.57
C ALA B 95 26.09 -15.86 -4.54
N LYS B 96 27.25 -15.22 -4.68
CA LYS B 96 27.39 -13.79 -4.43
C LYS B 96 26.55 -12.89 -5.34
N GLN B 97 26.21 -13.36 -6.54
CA GLN B 97 25.45 -12.52 -7.47
C GLN B 97 24.01 -12.29 -7.01
N TRP B 98 23.58 -13.03 -6.00
CA TRP B 98 22.22 -12.86 -5.46
C TRP B 98 22.16 -11.80 -4.36
N ASN B 99 23.33 -11.38 -3.88
CA ASN B 99 23.35 -10.28 -2.94
C ASN B 99 22.79 -9.04 -3.61
N GLY B 100 21.68 -8.56 -3.07
CA GLY B 100 21.04 -7.38 -3.60
C GLY B 100 19.81 -7.67 -4.47
N ILE B 101 19.54 -8.94 -4.75
CA ILE B 101 18.35 -9.30 -5.52
C ILE B 101 17.22 -9.65 -4.56
N THR B 102 16.16 -8.86 -4.60
CA THR B 102 15.07 -9.00 -3.65
C THR B 102 13.86 -9.68 -4.27
N LEU B 103 12.87 -10.03 -3.44
CA LEU B 103 11.62 -10.57 -3.97
C LEU B 103 10.94 -9.59 -4.91
N LEU B 104 11.06 -8.28 -4.64
CA LEU B 104 10.55 -7.30 -5.60
C LEU B 104 11.14 -7.56 -6.99
N HIS B 105 12.45 -7.69 -7.05
CA HIS B 105 13.11 -7.90 -8.35
C HIS B 105 12.58 -9.15 -9.05
N LEU B 106 12.44 -10.25 -8.33
CA LEU B 106 11.93 -11.47 -8.93
C LEU B 106 10.52 -11.25 -9.44
N ALA B 107 9.67 -10.64 -8.61
CA ALA B 107 8.25 -10.50 -8.93
C ALA B 107 8.00 -9.64 -10.18
N THR B 108 8.92 -8.70 -10.41
CA THR B 108 8.73 -7.67 -11.44
C THR B 108 9.70 -7.77 -12.62
N TYR B 109 10.42 -8.89 -12.72
CA TYR B 109 11.33 -9.17 -13.84
C TYR B 109 12.53 -8.25 -13.89
N THR B 110 12.95 -7.73 -12.73
CA THR B 110 14.02 -6.73 -12.66
C THR B 110 15.26 -7.20 -11.95
N ALA B 111 15.44 -8.52 -11.85
CA ALA B 111 16.61 -9.07 -11.18
C ALA B 111 17.91 -8.89 -11.94
N GLY B 112 17.83 -8.63 -13.24
CA GLY B 112 19.00 -8.39 -14.07
C GLY B 112 19.18 -9.41 -15.17
N GLY B 113 18.09 -9.86 -15.78
CA GLY B 113 18.19 -10.69 -16.96
C GLY B 113 18.00 -12.20 -16.78
N LEU B 114 17.29 -12.61 -15.73
CA LEU B 114 16.85 -14.00 -15.64
C LEU B 114 16.08 -14.33 -16.92
N PRO B 115 16.28 -15.55 -17.48
CA PRO B 115 15.74 -15.83 -18.83
C PRO B 115 14.25 -16.12 -18.86
N LEU B 116 13.66 -15.92 -20.05
CA LEU B 116 12.24 -16.17 -20.25
C LEU B 116 11.81 -17.54 -19.73
N GLN B 117 12.52 -18.60 -20.13
CA GLN B 117 12.21 -19.94 -19.67
C GLN B 117 13.37 -20.48 -18.87
N VAL B 118 13.04 -21.28 -17.87
CA VAL B 118 14.04 -22.12 -17.26
C VAL B 118 14.40 -23.13 -18.34
N PRO B 119 15.69 -23.46 -18.50
CA PRO B 119 16.03 -24.46 -19.52
C PRO B 119 15.24 -25.75 -19.35
N ASP B 120 14.88 -26.38 -20.46
CA ASP B 120 14.00 -27.55 -20.42
C ASP B 120 14.58 -28.72 -19.63
N GLU B 121 15.90 -28.84 -19.60
CA GLU B 121 16.52 -29.97 -18.90
C GLU B 121 16.45 -29.81 -17.39
N VAL B 122 16.09 -28.62 -16.92
CA VAL B 122 15.95 -28.38 -15.49
C VAL B 122 14.62 -28.95 -15.05
N LYS B 123 14.66 -29.89 -14.12
CA LYS B 123 13.46 -30.57 -13.66
C LYS B 123 13.39 -30.57 -12.14
N SER B 124 14.37 -31.22 -11.51
CA SER B 124 14.37 -31.46 -10.07
C SER B 124 14.68 -30.20 -9.26
N SER B 125 14.38 -30.24 -7.96
CA SER B 125 14.75 -29.14 -7.09
C SER B 125 16.25 -28.91 -7.11
N SER B 126 17.01 -29.99 -7.17
CA SER B 126 18.46 -29.90 -7.29
C SER B 126 18.87 -29.21 -8.59
N ASP B 127 18.19 -29.54 -9.68
CA ASP B 127 18.49 -28.89 -10.95
C ASP B 127 18.24 -27.38 -10.86
N LEU B 128 17.16 -27.04 -10.20
CA LEU B 128 16.76 -25.65 -10.08
C LEU B 128 17.76 -24.88 -9.25
N LEU B 129 18.15 -25.42 -8.09
CA LEU B 129 19.15 -24.75 -7.28
C LEU B 129 20.41 -24.48 -8.12
N ARG B 130 20.85 -25.49 -8.84
CA ARG B 130 22.07 -25.41 -9.64
C ARG B 130 21.93 -24.31 -10.71
N PHE B 131 20.78 -24.30 -11.37
CA PHE B 131 20.52 -23.27 -12.38
C PHE B 131 20.64 -21.87 -11.80
N TYR B 132 19.97 -21.62 -10.67
CA TYR B 132 20.05 -20.28 -10.07
C TYR B 132 21.42 -19.93 -9.49
N GLN B 133 22.08 -20.90 -8.87
CA GLN B 133 23.42 -20.66 -8.35
C GLN B 133 24.41 -20.31 -9.45
N ASN B 134 24.15 -20.83 -10.65
CA ASN B 134 25.07 -20.65 -11.77
C ASN B 134 24.73 -19.47 -12.65
N TRP B 135 23.52 -18.94 -12.49
CA TRP B 135 23.09 -17.85 -13.34
C TRP B 135 23.91 -16.58 -13.07
N GLN B 136 24.40 -15.96 -14.14
CA GLN B 136 25.13 -14.71 -14.02
C GLN B 136 24.36 -13.61 -14.73
N PRO B 137 24.12 -12.49 -14.05
CA PRO B 137 23.22 -11.47 -14.60
C PRO B 137 23.78 -10.69 -15.78
N ALA B 138 22.86 -10.26 -16.62
CA ALA B 138 23.13 -9.35 -17.73
C ALA B 138 23.29 -7.89 -17.25
N TRP B 139 22.60 -7.55 -16.15
CA TRP B 139 22.53 -6.17 -15.62
C TRP B 139 22.45 -6.22 -14.11
N ALA B 140 22.72 -5.09 -13.46
CA ALA B 140 22.56 -4.98 -12.02
C ALA B 140 21.09 -5.05 -11.67
N PRO B 141 20.77 -5.38 -10.41
CA PRO B 141 19.36 -5.46 -10.01
C PRO B 141 18.66 -4.12 -10.11
N GLY B 142 17.39 -4.15 -10.50
CA GLY B 142 16.57 -2.96 -10.48
C GLY B 142 16.92 -1.96 -11.55
N THR B 143 17.45 -2.41 -12.68
CA THR B 143 17.82 -1.48 -13.77
C THR B 143 17.09 -1.77 -15.08
N GLN B 144 16.80 -3.04 -15.33
CA GLN B 144 16.21 -3.48 -16.59
C GLN B 144 15.12 -4.49 -16.34
N ARG B 145 14.01 -4.33 -17.07
CA ARG B 145 12.90 -5.28 -17.03
C ARG B 145 13.02 -6.26 -18.18
N LEU B 146 13.07 -7.56 -17.88
CA LEU B 146 13.10 -8.59 -18.91
C LEU B 146 12.09 -9.65 -18.53
N TYR B 147 10.96 -9.64 -19.23
CA TYR B 147 9.87 -10.57 -18.92
C TYR B 147 10.36 -12.00 -18.87
N ALA B 148 10.05 -12.70 -17.77
CA ALA B 148 10.73 -13.96 -17.49
C ALA B 148 9.95 -14.86 -16.55
N ASN B 149 9.70 -16.09 -16.99
CA ASN B 149 9.15 -17.11 -16.12
C ASN B 149 10.08 -17.48 -14.98
N SER B 150 11.38 -17.46 -15.25
CA SER B 150 12.37 -17.86 -14.26
C SER B 150 12.42 -16.81 -13.14
N SER B 151 11.81 -15.65 -13.37
CA SER B 151 11.84 -14.56 -12.41
C SER B 151 10.59 -14.63 -11.55
N ILE B 152 9.44 -14.36 -12.16
CA ILE B 152 8.22 -14.36 -11.36
C ILE B 152 7.85 -15.76 -10.87
N GLY B 153 8.25 -16.78 -11.62
CA GLY B 153 7.99 -18.15 -11.18
C GLY B 153 8.72 -18.45 -9.87
N LEU B 154 9.96 -17.98 -9.77
CA LEU B 154 10.71 -18.16 -8.50
C LEU B 154 10.08 -17.34 -7.39
N PHE B 155 9.64 -16.12 -7.72
CA PHE B 155 8.91 -15.32 -6.73
C PHE B 155 7.75 -16.11 -6.15
N GLY B 156 6.95 -16.72 -7.02
CA GLY B 156 5.78 -17.46 -6.58
C GLY B 156 6.16 -18.59 -5.63
N ALA B 157 7.19 -19.33 -6.00
CA ALA B 157 7.61 -20.47 -5.20
C ALA B 157 8.12 -20.02 -3.84
N LEU B 158 8.84 -18.90 -3.79
CA LEU B 158 9.35 -18.41 -2.52
C LEU B 158 8.30 -17.75 -1.65
N ALA B 159 7.32 -17.13 -2.28
CA ALA B 159 6.31 -16.33 -1.58
C ALA B 159 5.50 -17.18 -0.63
N VAL B 160 5.34 -18.46 -0.98
CA VAL B 160 4.53 -19.37 -0.18
C VAL B 160 5.34 -20.13 0.88
N LYS B 161 6.65 -19.93 0.91
CA LYS B 161 7.50 -20.71 1.83
C LYS B 161 7.13 -20.53 3.30
N PRO B 162 6.97 -19.28 3.77
CA PRO B 162 6.62 -19.08 5.18
C PRO B 162 5.31 -19.75 5.59
N SER B 163 4.33 -19.79 4.69
CA SER B 163 3.05 -20.44 4.98
C SER B 163 3.22 -21.94 5.23
N GLY B 164 4.28 -22.52 4.70
CA GLY B 164 4.43 -23.96 4.72
C GLY B 164 3.58 -24.75 3.74
N LEU B 165 2.70 -24.06 3.02
CA LEU B 165 1.82 -24.69 2.03
C LEU B 165 2.56 -24.87 0.71
N SER B 166 2.18 -25.91 -0.04
CA SER B 166 2.63 -26.00 -1.43
C SER B 166 2.07 -24.81 -2.20
N PHE B 167 2.68 -24.50 -3.35
CA PHE B 167 2.17 -23.40 -4.14
C PHE B 167 0.71 -23.65 -4.53
N GLU B 168 0.42 -24.89 -4.89
CA GLU B 168 -0.93 -25.23 -5.32
C GLU B 168 -1.96 -25.09 -4.17
N GLN B 169 -1.64 -25.59 -2.98
CA GLN B 169 -2.55 -25.47 -1.86
C GLN B 169 -2.70 -24.03 -1.40
N ALA B 170 -1.60 -23.26 -1.47
CA ALA B 170 -1.72 -21.84 -1.15
C ALA B 170 -2.68 -21.14 -2.13
N MET B 171 -2.48 -21.39 -3.42
CA MET B 171 -3.31 -20.76 -4.44
C MET B 171 -4.79 -21.15 -4.27
N GLN B 172 -5.03 -22.44 -4.06
CA GLN B 172 -6.41 -22.90 -3.94
C GLN B 172 -7.10 -22.32 -2.73
N THR B 173 -6.42 -22.35 -1.58
CA THR B 173 -7.09 -21.96 -0.33
C THR B 173 -7.13 -20.46 -0.10
N ARG B 174 -6.16 -19.74 -0.68
CA ARG B 174 -6.01 -18.32 -0.39
C ARG B 174 -6.57 -17.41 -1.47
N VAL B 175 -6.72 -17.95 -2.68
CA VAL B 175 -7.17 -17.12 -3.81
C VAL B 175 -8.39 -17.72 -4.52
N PHE B 176 -8.27 -18.95 -4.99
CA PHE B 176 -9.34 -19.53 -5.80
C PHE B 176 -10.59 -19.68 -4.95
N GLN B 177 -10.43 -20.26 -3.76
CA GLN B 177 -11.61 -20.54 -2.95
C GLN B 177 -12.35 -19.33 -2.42
N PRO B 178 -11.63 -18.38 -1.81
CA PRO B 178 -12.37 -17.21 -1.30
C PRO B 178 -13.13 -16.49 -2.41
N LEU B 179 -12.63 -16.55 -3.65
CA LEU B 179 -13.28 -15.87 -4.77
C LEU B 179 -14.24 -16.78 -5.52
N LYS B 180 -14.45 -17.99 -4.99
CA LYS B 180 -15.40 -18.93 -5.55
C LYS B 180 -15.09 -19.26 -7.01
N LEU B 181 -13.81 -19.39 -7.30
CA LEU B 181 -13.38 -19.84 -8.61
C LEU B 181 -13.41 -21.37 -8.57
N ASN B 182 -14.62 -21.91 -8.74
CA ASN B 182 -14.90 -23.33 -8.50
C ASN B 182 -14.55 -24.29 -9.65
N HIS B 183 -14.03 -23.73 -10.74
CA HIS B 183 -13.63 -24.50 -11.92
C HIS B 183 -12.27 -24.02 -12.45
N THR B 184 -11.38 -23.69 -11.52
CA THR B 184 -10.06 -23.14 -11.82
C THR B 184 -9.03 -24.03 -11.13
N TRP B 185 -8.01 -24.44 -11.88
CA TRP B 185 -7.09 -25.48 -11.43
C TRP B 185 -5.69 -25.28 -11.98
N ILE B 186 -4.70 -25.57 -11.14
CA ILE B 186 -3.33 -25.70 -11.60
C ILE B 186 -3.12 -27.10 -12.18
N ASN B 187 -3.75 -28.09 -11.54
CA ASN B 187 -3.79 -29.45 -12.06
C ASN B 187 -5.24 -29.88 -12.22
N VAL B 188 -5.67 -30.10 -13.47
CA VAL B 188 -7.07 -30.41 -13.78
C VAL B 188 -7.41 -31.81 -13.27
N PRO B 189 -8.40 -31.91 -12.38
CA PRO B 189 -8.71 -33.22 -11.82
C PRO B 189 -9.52 -34.06 -12.81
N PRO B 190 -9.60 -35.38 -12.60
CA PRO B 190 -10.31 -36.22 -13.55
C PRO B 190 -11.75 -35.76 -13.81
N ALA B 191 -12.43 -35.24 -12.79
CA ALA B 191 -13.83 -34.85 -12.97
C ALA B 191 -14.00 -33.70 -13.97
N GLU B 192 -12.95 -32.91 -14.17
CA GLU B 192 -13.02 -31.79 -15.09
C GLU B 192 -12.44 -32.09 -16.46
N GLU B 193 -11.88 -33.28 -16.65
CA GLU B 193 -11.22 -33.58 -17.92
C GLU B 193 -12.16 -33.43 -19.10
N LYS B 194 -13.42 -33.84 -18.93
CA LYS B 194 -14.41 -33.74 -20.00
C LYS B 194 -14.68 -32.29 -20.43
N ASN B 195 -14.32 -31.35 -19.57
CA ASN B 195 -14.51 -29.93 -19.82
C ASN B 195 -13.22 -29.21 -20.24
N TYR B 196 -12.12 -29.95 -20.27
CA TYR B 196 -10.83 -29.34 -20.53
C TYR B 196 -10.66 -29.28 -22.03
N ALA B 197 -10.69 -28.08 -22.58
CA ALA B 197 -10.58 -27.91 -24.02
C ALA B 197 -9.21 -28.42 -24.43
N TRP B 198 -9.10 -28.89 -25.67
CA TRP B 198 -7.82 -29.14 -26.27
C TRP B 198 -7.27 -27.84 -26.87
N GLY B 199 -5.96 -27.65 -26.80
CA GLY B 199 -5.34 -26.56 -27.53
C GLY B 199 -5.04 -27.06 -28.93
N TYR B 200 -4.93 -26.15 -29.89
CA TYR B 200 -4.61 -26.55 -31.25
C TYR B 200 -3.40 -25.79 -31.77
N ARG B 201 -2.38 -26.56 -32.15
CA ARG B 201 -1.15 -26.01 -32.66
C ARG B 201 -0.77 -26.76 -33.92
N GLU B 202 -0.73 -26.04 -35.03
CA GLU B 202 -0.45 -26.65 -36.32
C GLU B 202 -1.40 -27.82 -36.56
N GLY B 203 -2.67 -27.65 -36.19
CA GLY B 203 -3.69 -28.65 -36.45
C GLY B 203 -3.70 -29.84 -35.49
N LYS B 204 -2.72 -29.86 -34.60
CA LYS B 204 -2.59 -30.94 -33.62
C LYS B 204 -3.21 -30.53 -32.28
N ALA B 205 -3.95 -31.45 -31.66
CA ALA B 205 -4.50 -31.20 -30.32
C ALA B 205 -3.41 -31.34 -29.29
N VAL B 206 -3.21 -30.28 -28.51
CA VAL B 206 -2.15 -30.25 -27.48
C VAL B 206 -2.61 -29.68 -26.13
N HIS B 207 -1.95 -30.14 -25.07
CA HIS B 207 -2.04 -29.52 -23.77
C HIS B 207 -0.65 -29.11 -23.35
N VAL B 208 -0.56 -28.17 -22.41
CA VAL B 208 0.70 -27.67 -21.88
C VAL B 208 1.57 -28.81 -21.34
N SER B 209 2.87 -28.73 -21.57
N SER B 209 2.88 -28.73 -21.57
CA SER B 209 3.82 -29.74 -21.11
CA SER B 209 3.79 -29.78 -21.10
C SER B 209 4.34 -29.39 -19.72
C SER B 209 4.39 -29.40 -19.76
N PRO B 210 4.74 -30.40 -18.95
CA PRO B 210 5.35 -30.12 -17.65
C PRO B 210 6.66 -29.35 -17.83
N GLY B 211 6.95 -28.45 -16.90
CA GLY B 211 8.22 -27.76 -16.86
C GLY B 211 8.48 -27.18 -15.48
N ALA B 212 9.72 -26.87 -15.16
CA ALA B 212 10.03 -26.26 -13.88
C ALA B 212 9.31 -24.91 -13.77
N LEU B 213 8.72 -24.66 -12.61
CA LEU B 213 8.00 -23.43 -12.32
C LEU B 213 6.82 -23.20 -13.27
N ASP B 214 6.30 -24.27 -13.86
CA ASP B 214 5.11 -24.12 -14.70
C ASP B 214 3.90 -23.57 -13.96
N ALA B 215 3.60 -24.13 -12.80
CA ALA B 215 2.41 -23.72 -12.05
C ALA B 215 2.48 -22.23 -11.75
N GLU B 216 3.66 -21.79 -11.28
CA GLU B 216 3.86 -20.43 -10.82
C GLU B 216 3.89 -19.42 -11.96
N ALA B 217 4.28 -19.87 -13.17
CA ALA B 217 4.49 -18.92 -14.27
C ALA B 217 3.41 -18.97 -15.35
N TYR B 218 2.82 -20.14 -15.57
CA TYR B 218 1.90 -20.26 -16.73
C TYR B 218 0.93 -21.42 -16.65
N GLY B 219 0.67 -21.92 -15.44
CA GLY B 219 0.00 -23.21 -15.31
C GLY B 219 -1.45 -23.27 -14.87
N VAL B 220 -2.16 -22.15 -14.83
CA VAL B 220 -3.54 -22.18 -14.40
C VAL B 220 -4.51 -22.43 -15.60
N LYS B 221 -5.52 -23.25 -15.37
CA LYS B 221 -6.61 -23.49 -16.33
C LYS B 221 -7.89 -23.00 -15.69
N SER B 222 -8.77 -22.35 -16.47
CA SER B 222 -9.96 -21.78 -15.89
C SER B 222 -11.05 -21.68 -16.94
N THR B 223 -12.28 -21.47 -16.48
CA THR B 223 -13.43 -21.29 -17.37
C THR B 223 -13.73 -19.80 -17.58
N ILE B 224 -14.58 -19.49 -18.55
CA ILE B 224 -14.92 -18.09 -18.78
C ILE B 224 -15.70 -17.48 -17.62
N GLU B 225 -16.46 -18.30 -16.91
CA GLU B 225 -17.20 -17.81 -15.75
C GLU B 225 -16.26 -17.45 -14.61
N ASP B 226 -15.34 -18.35 -14.31
CA ASP B 226 -14.38 -18.06 -13.26
C ASP B 226 -13.51 -16.85 -13.62
N MET B 227 -13.09 -16.76 -14.87
CA MET B 227 -12.28 -15.62 -15.27
C MET B 227 -13.05 -14.30 -15.17
N ALA B 228 -14.34 -14.32 -15.47
CA ALA B 228 -15.15 -13.12 -15.27
C ALA B 228 -15.16 -12.72 -13.79
N ARG B 229 -15.30 -13.70 -12.91
CA ARG B 229 -15.27 -13.45 -11.48
C ARG B 229 -13.89 -12.91 -11.09
N TRP B 230 -12.84 -13.43 -11.72
CA TRP B 230 -11.48 -12.92 -11.47
C TRP B 230 -11.40 -11.42 -11.84
N VAL B 231 -11.96 -11.06 -12.99
CA VAL B 231 -11.97 -9.65 -13.36
C VAL B 231 -12.78 -8.82 -12.38
N GLN B 232 -13.97 -9.30 -12.00
CA GLN B 232 -14.80 -8.56 -11.06
C GLN B 232 -14.02 -8.32 -9.74
N SER B 233 -13.30 -9.34 -9.31
CA SER B 233 -12.54 -9.26 -8.07
C SER B 233 -11.40 -8.24 -8.16
N ASN B 234 -10.74 -8.20 -9.31
CA ASN B 234 -9.67 -7.24 -9.55
C ASN B 234 -10.16 -5.81 -9.85
N LEU B 235 -11.37 -5.70 -10.40
CA LEU B 235 -12.03 -4.41 -10.59
C LEU B 235 -12.42 -3.77 -9.26
N LYS B 236 -12.89 -4.59 -8.33
CA LYS B 236 -13.56 -4.10 -7.13
C LYS B 236 -13.11 -4.90 -5.90
N PRO B 237 -11.84 -4.71 -5.51
CA PRO B 237 -11.30 -5.51 -4.42
C PRO B 237 -11.95 -5.22 -3.06
N LEU B 238 -12.59 -4.06 -2.88
CA LEU B 238 -13.14 -3.74 -1.57
C LEU B 238 -14.35 -4.61 -1.22
N ASP B 239 -14.90 -5.27 -2.23
CA ASP B 239 -16.03 -6.16 -1.99
C ASP B 239 -15.58 -7.52 -1.48
N ILE B 240 -14.27 -7.77 -1.52
CA ILE B 240 -13.73 -9.04 -1.05
C ILE B 240 -13.66 -9.09 0.48
N ASN B 241 -14.26 -10.11 1.08
CA ASN B 241 -14.40 -10.15 2.54
C ASN B 241 -13.12 -10.57 3.26
N GLU B 242 -12.28 -11.34 2.58
CA GLU B 242 -10.99 -11.75 3.15
C GLU B 242 -10.00 -10.58 3.07
N LYS B 243 -9.66 -10.02 4.22
CA LYS B 243 -8.87 -8.79 4.30
C LYS B 243 -7.52 -8.85 3.58
N THR B 244 -6.74 -9.91 3.82
CA THR B 244 -5.43 -9.94 3.20
C THR B 244 -5.54 -10.14 1.68
N LEU B 245 -6.59 -10.81 1.22
CA LEU B 245 -6.77 -11.00 -0.23
C LEU B 245 -7.16 -9.69 -0.89
N GLN B 246 -8.06 -8.95 -0.25
CA GLN B 246 -8.41 -7.61 -0.69
C GLN B 246 -7.13 -6.76 -0.82
N GLN B 247 -6.29 -6.80 0.22
CA GLN B 247 -5.04 -6.06 0.22
CA GLN B 247 -5.05 -6.03 0.18
C GLN B 247 -4.08 -6.56 -0.87
N GLY B 248 -4.00 -7.87 -1.04
CA GLY B 248 -3.11 -8.45 -2.02
C GLY B 248 -3.47 -8.04 -3.43
N ILE B 249 -4.76 -7.97 -3.74
CA ILE B 249 -5.18 -7.49 -5.06
C ILE B 249 -4.76 -6.02 -5.27
N GLN B 250 -4.93 -5.20 -4.26
CA GLN B 250 -4.49 -3.80 -4.33
C GLN B 250 -2.97 -3.74 -4.57
N LEU B 251 -2.20 -4.54 -3.83
CA LEU B 251 -0.74 -4.54 -3.98
C LEU B 251 -0.28 -5.02 -5.36
N ALA B 252 -1.03 -5.94 -5.96
CA ALA B 252 -0.64 -6.46 -7.29
C ALA B 252 -0.88 -5.42 -8.41
N GLN B 253 -1.75 -4.45 -8.14
CA GLN B 253 -1.98 -3.34 -9.10
C GLN B 253 -1.24 -2.08 -8.71
N SER B 254 -0.41 -2.13 -7.68
CA SER B 254 0.44 -1.01 -7.38
C SER B 254 1.53 -0.90 -8.44
N ARG B 255 2.03 0.32 -8.63
CA ARG B 255 2.95 0.59 -9.73
C ARG B 255 4.38 0.64 -9.16
N TYR B 256 5.19 -0.36 -9.48
CA TYR B 256 6.52 -0.49 -8.86
C TYR B 256 7.65 0.08 -9.75
N TRP B 257 7.45 0.00 -11.06
CA TRP B 257 8.44 0.39 -12.06
C TRP B 257 7.70 0.99 -13.23
N GLN B 258 8.36 1.91 -13.92
CA GLN B 258 7.79 2.43 -15.16
C GLN B 258 8.77 2.23 -16.28
N THR B 259 8.25 1.81 -17.43
CA THR B 259 8.99 1.81 -18.68
C THR B 259 8.07 2.37 -19.74
N GLY B 260 8.49 3.45 -20.40
CA GLY B 260 7.61 4.10 -21.33
C GLY B 260 6.32 4.50 -20.65
N ASP B 261 5.18 4.14 -21.24
CA ASP B 261 3.90 4.48 -20.64
C ASP B 261 3.29 3.33 -19.86
N MET B 262 4.09 2.29 -19.59
CA MET B 262 3.56 1.17 -18.80
CA MET B 262 3.60 1.13 -18.83
C MET B 262 4.20 1.04 -17.42
N TYR B 263 3.40 0.54 -16.51
CA TYR B 263 3.81 0.37 -15.13
C TYR B 263 3.72 -1.11 -14.80
N GLN B 264 4.76 -1.65 -14.14
CA GLN B 264 4.73 -3.05 -13.75
C GLN B 264 4.16 -3.21 -12.36
N GLY B 265 3.16 -4.07 -12.27
CA GLY B 265 2.60 -4.46 -10.96
C GLY B 265 3.11 -5.85 -10.62
N LEU B 266 2.36 -6.58 -9.78
CA LEU B 266 2.71 -7.98 -9.51
C LEU B 266 1.85 -8.82 -10.45
N GLY B 267 2.45 -9.30 -11.53
CA GLY B 267 1.71 -10.02 -12.57
C GLY B 267 1.00 -9.06 -13.52
N TRP B 268 0.10 -8.23 -12.99
CA TRP B 268 -0.61 -7.26 -13.81
C TRP B 268 0.37 -6.23 -14.36
N GLU B 269 0.07 -5.72 -15.55
CA GLU B 269 0.70 -4.52 -16.09
C GLU B 269 -0.39 -3.44 -16.25
N MET B 270 0.00 -2.16 -16.11
CA MET B 270 -0.99 -1.07 -16.04
C MET B 270 -0.53 0.10 -16.89
N LEU B 271 -1.49 0.80 -17.49
CA LEU B 271 -1.21 2.09 -18.14
C LEU B 271 -2.27 3.06 -17.66
N ASP B 272 -1.97 4.36 -17.68
CA ASP B 272 -3.02 5.33 -17.40
C ASP B 272 -4.14 5.29 -18.44
N TRP B 273 -5.37 5.39 -17.97
CA TRP B 273 -6.54 5.54 -18.82
C TRP B 273 -6.90 7.03 -18.87
N PRO B 274 -7.18 7.57 -20.07
CA PRO B 274 -7.26 6.90 -21.37
C PRO B 274 -5.89 6.52 -21.92
N VAL B 275 -5.86 5.38 -22.58
CA VAL B 275 -4.62 4.84 -23.09
C VAL B 275 -4.52 5.15 -24.56
N ASN B 276 -3.29 5.19 -25.05
CA ASN B 276 -3.04 5.23 -26.47
C ASN B 276 -3.12 3.80 -27.01
N PRO B 277 -4.13 3.50 -27.85
CA PRO B 277 -4.27 2.08 -28.20
C PRO B 277 -3.08 1.55 -28.98
N ASP B 278 -2.41 2.40 -29.75
CA ASP B 278 -1.23 1.90 -30.44
C ASP B 278 -0.21 1.38 -29.47
N SER B 279 -0.13 2.05 -28.33
CA SER B 279 0.85 1.69 -27.35
C SER B 279 0.62 0.27 -26.82
N ILE B 280 -0.62 -0.03 -26.42
CA ILE B 280 -0.93 -1.37 -25.88
C ILE B 280 -0.95 -2.42 -26.99
N ILE B 281 -1.46 -2.07 -28.16
CA ILE B 281 -1.49 -3.04 -29.25
C ILE B 281 -0.08 -3.39 -29.72
N ASN B 282 0.70 -2.38 -30.07
CA ASN B 282 2.07 -2.63 -30.54
C ASN B 282 2.94 -3.19 -29.43
N GLY B 283 2.74 -2.69 -28.22
CA GLY B 283 3.54 -3.13 -27.08
C GLY B 283 3.35 -4.60 -26.72
N SER B 284 2.25 -5.17 -27.18
CA SER B 284 1.90 -6.56 -26.82
C SER B 284 2.60 -7.57 -27.73
N ASP B 285 3.08 -7.09 -28.87
CA ASP B 285 3.85 -7.92 -29.78
C ASP B 285 5.07 -8.42 -29.04
N ASN B 286 5.32 -9.71 -29.15
CA ASN B 286 6.43 -10.30 -28.42
C ASN B 286 7.79 -9.70 -28.76
N LYS B 287 7.93 -9.10 -29.95
CA LYS B 287 9.21 -8.46 -30.25
C LYS B 287 9.51 -7.30 -29.27
N ILE B 288 8.45 -6.69 -28.75
CA ILE B 288 8.60 -5.66 -27.71
C ILE B 288 8.42 -6.26 -26.31
N ALA B 289 7.36 -7.05 -26.12
CA ALA B 289 6.97 -7.55 -24.80
C ALA B 289 8.05 -8.45 -24.18
N LEU B 290 8.86 -9.11 -24.98
CA LEU B 290 9.89 -10.01 -24.47
C LEU B 290 11.28 -9.38 -24.48
N ALA B 291 11.37 -8.13 -24.92
CA ALA B 291 12.66 -7.44 -24.98
C ALA B 291 12.98 -6.68 -23.70
N ALA B 292 14.27 -6.55 -23.39
CA ALA B 292 14.66 -5.77 -22.22
C ALA B 292 14.33 -4.29 -22.39
N ARG B 293 13.93 -3.65 -21.30
CA ARG B 293 13.65 -2.22 -21.29
C ARG B 293 14.13 -1.63 -19.97
N PRO B 294 14.73 -0.45 -20.02
CA PRO B 294 15.19 0.19 -18.78
C PRO B 294 13.99 0.62 -17.95
N VAL B 295 14.09 0.44 -16.64
CA VAL B 295 13.01 0.85 -15.77
C VAL B 295 13.44 1.98 -14.85
N LYS B 296 12.47 2.82 -14.52
CA LYS B 296 12.59 3.80 -13.45
C LYS B 296 11.84 3.28 -12.25
N ALA B 297 12.51 3.24 -11.11
CA ALA B 297 11.85 2.91 -9.86
C ALA B 297 10.81 3.95 -9.52
N ILE B 298 9.67 3.48 -9.04
CA ILE B 298 8.64 4.37 -8.51
C ILE B 298 8.76 4.29 -7.00
N THR B 299 9.30 5.35 -6.41
CA THR B 299 9.78 5.32 -5.03
C THR B 299 8.99 6.33 -4.21
N PRO B 300 8.01 5.87 -3.41
CA PRO B 300 7.56 4.48 -3.24
C PRO B 300 6.55 4.15 -4.32
N PRO B 301 6.16 2.88 -4.41
CA PRO B 301 5.19 2.50 -5.45
C PRO B 301 3.90 3.28 -5.31
N THR B 302 3.26 3.56 -6.43
CA THR B 302 1.97 4.23 -6.39
C THR B 302 0.87 3.21 -6.15
N PRO B 303 -0.05 3.50 -5.21
CA PRO B 303 -1.11 2.53 -4.97
C PRO B 303 -1.97 2.40 -6.20
N ALA B 304 -2.67 1.28 -6.31
CA ALA B 304 -3.52 1.00 -7.47
C ALA B 304 -4.31 2.20 -7.95
N VAL B 305 -4.13 2.56 -9.22
CA VAL B 305 -4.79 3.72 -9.77
C VAL B 305 -6.08 3.30 -10.46
N ARG B 306 -7.20 3.81 -10.00
CA ARG B 306 -8.50 3.42 -10.56
CA ARG B 306 -8.47 3.37 -10.56
C ARG B 306 -8.60 3.69 -12.05
N ALA B 307 -8.13 4.85 -12.48
CA ALA B 307 -8.17 5.22 -13.90
C ALA B 307 -6.99 4.59 -14.66
N SER B 308 -7.01 3.26 -14.76
CA SER B 308 -5.95 2.55 -15.45
C SER B 308 -6.54 1.56 -16.41
N TRP B 309 -5.80 1.29 -17.48
CA TRP B 309 -5.97 0.06 -18.27
C TRP B 309 -5.07 -1.00 -17.62
N VAL B 310 -5.66 -2.05 -17.05
CA VAL B 310 -4.92 -3.10 -16.39
C VAL B 310 -5.07 -4.36 -17.22
N HIS B 311 -3.98 -5.05 -17.52
CA HIS B 311 -4.10 -6.16 -18.46
C HIS B 311 -2.97 -7.16 -18.39
N LYS B 312 -3.17 -8.29 -19.07
CA LYS B 312 -2.13 -9.32 -19.21
C LYS B 312 -2.49 -10.26 -20.35
N THR B 313 -1.52 -10.54 -21.20
CA THR B 313 -1.62 -11.59 -22.22
C THR B 313 -1.11 -12.93 -21.67
N GLY B 314 -1.60 -14.00 -22.26
CA GLY B 314 -1.11 -15.32 -21.91
C GLY B 314 -1.13 -16.27 -23.07
N ALA B 315 -0.13 -17.14 -23.12
CA ALA B 315 -0.06 -18.15 -24.18
C ALA B 315 0.49 -19.47 -23.64
N THR B 316 -0.03 -20.55 -24.17
CA THR B 316 0.69 -21.81 -24.16
C THR B 316 0.75 -22.27 -25.60
N GLY B 317 1.34 -23.43 -25.87
CA GLY B 317 1.46 -23.86 -27.25
C GLY B 317 0.13 -23.88 -27.99
N GLY B 318 -0.93 -24.27 -27.31
CA GLY B 318 -2.22 -24.43 -27.96
C GLY B 318 -3.27 -23.41 -27.60
N PHE B 319 -2.94 -22.40 -26.79
CA PHE B 319 -3.95 -21.50 -26.26
C PHE B 319 -3.48 -20.06 -26.25
N GLY B 320 -4.42 -19.13 -26.41
CA GLY B 320 -4.13 -17.71 -26.33
C GLY B 320 -5.20 -17.00 -25.54
N SER B 321 -4.78 -16.32 -24.46
CA SER B 321 -5.71 -15.66 -23.56
CA SER B 321 -5.69 -15.68 -23.52
C SER B 321 -5.36 -14.19 -23.40
N TYR B 322 -6.35 -13.40 -22.99
CA TYR B 322 -6.12 -11.99 -22.73
C TYR B 322 -7.16 -11.53 -21.73
N VAL B 323 -6.72 -10.69 -20.79
CA VAL B 323 -7.62 -10.05 -19.84
C VAL B 323 -7.28 -8.58 -19.79
N ALA B 324 -8.30 -7.73 -19.79
CA ALA B 324 -8.06 -6.30 -19.60
C ALA B 324 -9.24 -5.70 -18.86
N PHE B 325 -8.97 -4.70 -18.02
CA PHE B 325 -10.06 -4.05 -17.29
C PHE B 325 -9.70 -2.62 -16.87
N ILE B 326 -10.71 -1.83 -16.58
CA ILE B 326 -10.53 -0.43 -16.22
C ILE B 326 -11.33 -0.19 -14.96
N PRO B 327 -10.65 -0.16 -13.80
CA PRO B 327 -11.40 -0.11 -12.52
C PRO B 327 -12.37 1.04 -12.43
N GLU B 328 -11.96 2.24 -12.83
CA GLU B 328 -12.83 3.42 -12.73
C GLU B 328 -14.15 3.27 -13.49
N LYS B 329 -14.17 2.40 -14.49
CA LYS B 329 -15.33 2.28 -15.38
C LYS B 329 -16.13 1.01 -15.10
N GLU B 330 -15.65 0.21 -14.15
CA GLU B 330 -16.27 -1.07 -13.81
C GLU B 330 -16.44 -1.90 -15.08
N LEU B 331 -15.39 -1.92 -15.90
CA LEU B 331 -15.50 -2.42 -17.26
C LEU B 331 -14.34 -3.36 -17.53
N GLY B 332 -14.59 -4.51 -18.13
CA GLY B 332 -13.47 -5.38 -18.45
C GLY B 332 -13.81 -6.47 -19.44
N ILE B 333 -12.81 -7.24 -19.84
CA ILE B 333 -13.03 -8.30 -20.81
C ILE B 333 -12.05 -9.45 -20.58
N VAL B 334 -12.54 -10.66 -20.81
CA VAL B 334 -11.69 -11.85 -20.87
C VAL B 334 -11.91 -12.50 -22.21
N MET B 335 -10.82 -12.88 -22.88
CA MET B 335 -10.88 -13.57 -24.16
C MET B 335 -10.06 -14.84 -24.06
N LEU B 336 -10.73 -16.00 -24.09
CA LEU B 336 -10.05 -17.30 -24.03
C LEU B 336 -10.23 -18.06 -25.34
N ALA B 337 -9.10 -18.46 -25.93
CA ALA B 337 -9.10 -19.20 -27.19
C ALA B 337 -8.19 -20.43 -27.11
N ASN B 338 -8.59 -21.49 -27.83
CA ASN B 338 -7.75 -22.68 -27.88
C ASN B 338 -6.90 -22.70 -29.13
N LYS B 339 -6.34 -21.54 -29.43
CA LYS B 339 -5.25 -21.41 -30.38
C LYS B 339 -4.43 -20.20 -29.90
N ASN B 340 -3.10 -20.32 -29.96
CA ASN B 340 -2.20 -19.21 -29.65
C ASN B 340 -2.03 -18.26 -30.84
N TYR B 341 -2.93 -17.31 -30.97
CA TYR B 341 -2.90 -16.36 -32.09
C TYR B 341 -2.25 -15.04 -31.63
N PRO B 342 -1.77 -14.20 -32.56
CA PRO B 342 -0.90 -13.08 -32.17
C PRO B 342 -1.48 -12.10 -31.14
N ASN B 343 -0.65 -11.71 -30.17
CA ASN B 343 -1.08 -10.77 -29.14
C ASN B 343 -1.74 -9.50 -29.67
N PRO B 344 -1.18 -8.86 -30.72
CA PRO B 344 -1.77 -7.57 -31.08
C PRO B 344 -3.20 -7.72 -31.55
N ALA B 345 -3.56 -8.85 -32.16
CA ALA B 345 -4.94 -9.08 -32.55
C ALA B 345 -5.86 -9.17 -31.34
N ARG B 346 -5.36 -9.74 -30.24
CA ARG B 346 -6.18 -9.85 -29.02
C ARG B 346 -6.43 -8.45 -28.46
N VAL B 347 -5.35 -7.68 -28.35
CA VAL B 347 -5.44 -6.37 -27.69
C VAL B 347 -6.27 -5.42 -28.55
N ASP B 348 -6.07 -5.48 -29.86
CA ASP B 348 -6.87 -4.68 -30.75
C ASP B 348 -8.38 -4.94 -30.57
N ALA B 349 -8.76 -6.22 -30.50
CA ALA B 349 -10.17 -6.58 -30.33
C ALA B 349 -10.72 -6.10 -28.99
N ALA B 350 -9.92 -6.30 -27.92
CA ALA B 350 -10.28 -5.86 -26.58
C ALA B 350 -10.48 -4.35 -26.54
N TRP B 351 -9.56 -3.62 -27.18
CA TRP B 351 -9.65 -2.15 -27.28
C TRP B 351 -10.94 -1.74 -27.93
N GLN B 352 -11.21 -2.33 -29.09
CA GLN B 352 -12.44 -1.96 -29.80
C GLN B 352 -13.68 -2.12 -28.93
N ILE B 353 -13.74 -3.23 -28.19
CA ILE B 353 -14.92 -3.52 -27.39
C ILE B 353 -14.99 -2.59 -26.20
N LEU B 354 -13.91 -2.51 -25.43
CA LEU B 354 -13.97 -1.67 -24.23
C LEU B 354 -14.08 -0.17 -24.57
N ASN B 355 -13.38 0.28 -25.61
CA ASN B 355 -13.50 1.69 -26.01
C ASN B 355 -14.94 1.99 -26.43
N ALA B 356 -15.62 1.04 -27.07
CA ALA B 356 -17.00 1.27 -27.48
C ALA B 356 -17.93 1.39 -26.28
N LEU B 357 -17.61 0.69 -25.21
CA LEU B 357 -18.53 0.59 -24.09
C LEU B 357 -18.24 1.57 -22.97
N GLN B 358 -17.07 2.20 -22.98
CA GLN B 358 -16.68 3.07 -21.88
C GLN B 358 -17.41 4.40 -21.91
B03 0ND C . 6.33 18.22 18.06
O04 0ND C . 5.48 18.35 19.26
O05 0ND C . 7.35 17.19 18.28
C06 0ND C . 6.98 19.60 17.70
N07 0ND C . 7.98 20.03 18.64
S08 0ND C . 8.69 21.48 18.52
O09 0ND C . 9.01 21.78 17.16
O10 0ND C . 9.91 21.50 19.28
C11 0ND C . 7.60 22.75 19.11
C12 0ND C . 7.10 23.67 18.20
C13 0ND C . 6.27 24.71 18.63
C14 0ND C . 5.94 24.81 19.98
C15 0ND C . 5.13 25.83 20.49
N16 0ND C . 4.67 25.90 21.76
N17 0ND C . 3.94 27.05 21.89
N18 0ND C . 3.97 27.69 20.69
N19 0ND C . 4.72 26.94 19.84
C20 0ND C . 6.44 23.88 20.88
C21 0ND C . 7.24 22.85 20.45
CL2 0ND C . 7.82 21.71 21.64
B03 0ND D . 2.70 4.80 -0.75
O04 0ND D . 2.67 5.95 0.09
O05 0ND D . 2.73 5.11 -2.15
C06 0ND D . 3.24 3.43 -0.20
N07 0ND D . 3.67 2.45 -1.18
S08 0ND D . 3.58 0.88 -0.80
O09 0ND D . 4.26 0.69 0.48
O10 0ND D . 4.22 -0.01 -1.73
C11 0ND D . 1.88 0.47 -0.51
C12 0ND D . 1.50 0.07 0.76
C13 0ND D . 0.17 -0.26 1.02
C14 0ND D . -0.78 -0.15 0.01
C15 0ND D . -2.11 -0.47 0.29
N16 0ND D . -2.52 -1.38 1.18
N17 0ND D . -3.90 -1.38 1.18
N18 0ND D . -4.32 -0.46 0.27
N19 0ND D . -3.19 0.11 -0.28
C20 0ND D . -0.40 0.25 -1.26
C21 0ND D . 0.92 0.57 -1.51
CL2 0ND D . 1.38 1.09 -3.10
B03 0ND E . 3.37 -16.50 -20.97
O04 0ND E . 2.23 -17.07 -21.66
O05 0ND E . 3.65 -15.19 -21.50
C06 0ND E . 4.63 -17.44 -21.04
N07 0ND E . 5.12 -17.55 -22.39
S08 0ND E . 6.24 -18.62 -22.77
O09 0ND E . 7.31 -18.59 -21.78
O10 0ND E . 6.85 -18.27 -24.05
C11 0ND E . 5.59 -20.25 -22.88
C12 0ND E . 6.01 -21.21 -21.96
C13 0ND E . 5.54 -22.52 -22.04
C14 0ND E . 4.66 -22.90 -23.04
C15 0ND E . 4.19 -24.20 -23.16
N16 0ND E . 3.21 -24.58 -24.00
N17 0ND E . 3.04 -25.93 -23.87
N18 0ND E . 3.96 -26.37 -22.93
N19 0ND E . 4.68 -25.28 -22.52
C20 0ND E . 4.26 -21.96 -23.97
C21 0ND E . 4.72 -20.65 -23.90
CL2 0ND E . 4.12 -19.55 -25.10
P PO4 F . 19.45 -12.56 -21.77
O1 PO4 F . 18.49 -12.14 -22.85
O2 PO4 F . 18.70 -13.51 -20.87
O3 PO4 F . 19.80 -11.29 -21.01
O4 PO4 F . 20.61 -13.25 -22.47
P PO4 G . 9.97 -3.32 -37.06
O1 PO4 G . 8.76 -2.41 -37.13
O2 PO4 G . 11.25 -2.51 -37.19
O3 PO4 G . 9.87 -4.27 -38.23
O4 PO4 G . 10.00 -4.15 -35.78
#